data_5ORJ
#
_entry.id   5ORJ
#
_cell.length_a   64.790
_cell.length_b   68.597
_cell.length_c   333.660
_cell.angle_alpha   90.000
_cell.angle_beta   90.000
_cell.angle_gamma   90.000
#
_symmetry.space_group_name_H-M   'C 2 2 21'
#
loop_
_entity.id
_entity.type
_entity.pdbx_description
1 polymer 'Casein kinase II subunit alpha'
2 non-polymer 'MAGNESIUM ION'
3 non-polymer "ADENOSINE-5'-DIPHOSPHATE"
4 non-polymer [3-chloranyl-4-(2-ethylphenyl)phenyl]methanamine
5 non-polymer 'INOSITOL HEXAKISPHOSPHATE'
6 water water
#
_entity_poly.entity_id   1
_entity_poly.type   'polypeptide(L)'
_entity_poly.pdbx_seq_one_letter_code
;GSMDIEFDDDADDDGSGSGSGSGSSGPVPSRARVYTDVNTHRPSEYWDYESHVVEWGNQDDYQLVRKLGRGKYSEVFEAI
NITNNEKVVVKILKPVKKKKIKREIKILENLRGGPNIITLADIVKDPVSRTPALVFEHVNNTDFKQLYQTLTDYDIRFYM
YEILKALDYCHSMGIMHRDVKPHNVMIDHEHRKLRLIDWGLAEFYHPGQEYNVRVASRYFKGPELLVDYQMYDYSLDMWS
LGCMLASMIFRKEPFFHGHDNYDQLVRIAKVLGTEDLYDYIDKYNIELDPRFNDILGRHSRKRWERFVHSENQHLVSPEA
LDFLDKLLRYDHQSRLTAREAMEHPYFYTVVK
;
_entity_poly.pdbx_strand_id   B,A
#
loop_
_chem_comp.id
_chem_comp.type
_chem_comp.name
_chem_comp.formula
A4Q non-polymer [3-chloranyl-4-(2-ethylphenyl)phenyl]methanamine 'C15 H16 Cl N'
ADP non-polymer ADENOSINE-5'-DIPHOSPHATE 'C10 H15 N5 O10 P2'
IHP non-polymer 'INOSITOL HEXAKISPHOSPHATE' 'C6 H18 O24 P6'
MG non-polymer 'MAGNESIUM ION' 'Mg 2'
#
# COMPACT_ATOMS: atom_id res chain seq x y z
N PRO A 27 -34.16 -13.64 -13.23
CA PRO A 27 -33.47 -13.26 -14.47
C PRO A 27 -32.58 -14.37 -15.04
N VAL A 28 -32.46 -14.44 -16.37
CA VAL A 28 -31.65 -15.41 -17.12
C VAL A 28 -30.14 -15.13 -16.88
N PRO A 29 -29.29 -16.16 -16.62
CA PRO A 29 -27.85 -15.89 -16.46
C PRO A 29 -27.10 -15.49 -17.75
N SER A 30 -25.99 -14.76 -17.55
CA SER A 30 -25.12 -14.25 -18.62
C SER A 30 -23.66 -14.30 -18.20
N ARG A 31 -22.75 -14.37 -19.18
CA ARG A 31 -21.32 -14.28 -18.95
C ARG A 31 -20.64 -13.59 -20.12
N ALA A 32 -19.47 -12.96 -19.84
CA ALA A 32 -18.65 -12.25 -20.82
C ALA A 32 -18.30 -13.19 -21.98
N ARG A 33 -18.26 -12.65 -23.21
CA ARG A 33 -17.89 -13.42 -24.40
C ARG A 33 -16.38 -13.56 -24.55
N VAL A 34 -15.62 -12.67 -23.85
CA VAL A 34 -14.15 -12.66 -23.86
C VAL A 34 -13.65 -12.64 -22.43
N TYR A 35 -12.43 -13.19 -22.18
CA TYR A 35 -11.75 -13.19 -20.86
C TYR A 35 -12.68 -13.62 -19.72
N THR A 36 -13.54 -14.57 -20.03
CA THR A 36 -14.56 -15.07 -19.11
C THR A 36 -13.97 -15.62 -17.82
N ASP A 37 -12.95 -16.48 -17.96
CA ASP A 37 -12.35 -17.21 -16.84
C ASP A 37 -10.95 -16.80 -16.44
N VAL A 38 -10.53 -15.56 -16.78
CA VAL A 38 -9.17 -15.12 -16.44
C VAL A 38 -8.93 -15.08 -14.90
N ASN A 39 -9.94 -14.69 -14.08
CA ASN A 39 -9.74 -14.67 -12.62
C ASN A 39 -9.89 -16.06 -11.98
N THR A 40 -10.73 -16.92 -12.59
CA THR A 40 -10.95 -18.29 -12.10
C THR A 40 -9.63 -19.08 -12.11
N HIS A 41 -8.80 -18.86 -13.15
CA HIS A 41 -7.52 -19.55 -13.35
C HIS A 41 -6.32 -18.90 -12.64
N ARG A 42 -6.55 -17.82 -11.88
N ARG A 42 -6.55 -17.82 -11.88
CA ARG A 42 -5.51 -17.11 -11.14
CA ARG A 42 -5.51 -17.11 -11.13
C ARG A 42 -5.63 -17.36 -9.63
C ARG A 42 -5.64 -17.37 -9.63
N PRO A 43 -4.54 -17.32 -8.84
CA PRO A 43 -4.66 -17.54 -7.38
C PRO A 43 -5.41 -16.41 -6.66
N SER A 44 -5.97 -16.72 -5.47
CA SER A 44 -6.72 -15.80 -4.63
C SER A 44 -5.98 -14.47 -4.41
N GLU A 45 -4.63 -14.51 -4.34
CA GLU A 45 -3.77 -13.32 -4.15
C GLU A 45 -4.06 -12.23 -5.18
N TYR A 46 -4.39 -12.62 -6.42
CA TYR A 46 -4.63 -11.69 -7.51
C TYR A 46 -5.90 -10.85 -7.34
N TRP A 47 -7.06 -11.50 -7.07
CA TRP A 47 -8.38 -10.88 -6.99
C TRP A 47 -8.97 -10.68 -5.57
N ASP A 48 -8.39 -11.31 -4.55
CA ASP A 48 -8.91 -11.18 -3.19
C ASP A 48 -8.28 -9.97 -2.55
N TYR A 49 -8.83 -8.79 -2.89
CA TYR A 49 -8.35 -7.49 -2.41
C TYR A 49 -8.50 -7.28 -0.91
N GLU A 50 -9.50 -7.92 -0.28
CA GLU A 50 -9.74 -7.83 1.17
C GLU A 50 -8.55 -8.36 1.96
N SER A 51 -7.86 -9.39 1.43
CA SER A 51 -6.70 -10.01 2.03
C SER A 51 -5.36 -9.35 1.65
N HIS A 52 -5.37 -8.44 0.65
CA HIS A 52 -4.17 -7.73 0.18
C HIS A 52 -3.58 -6.86 1.29
N VAL A 53 -2.26 -6.95 1.45
CA VAL A 53 -1.52 -6.21 2.47
C VAL A 53 -0.99 -4.94 1.84
N VAL A 54 -1.50 -3.81 2.30
CA VAL A 54 -1.11 -2.51 1.79
C VAL A 54 0.00 -1.94 2.68
N GLU A 55 1.08 -1.49 2.05
CA GLU A 55 2.20 -0.91 2.77
C GLU A 55 2.23 0.58 2.48
N TRP A 56 1.85 1.38 3.47
CA TRP A 56 1.78 2.82 3.31
C TRP A 56 3.13 3.53 3.51
N GLY A 57 3.51 4.31 2.51
CA GLY A 57 4.74 5.08 2.53
C GLY A 57 4.58 6.34 3.36
N ASN A 58 5.68 6.92 3.82
CA ASN A 58 5.60 8.15 4.59
C ASN A 58 5.30 9.35 3.69
N GLN A 59 4.39 10.21 4.14
CA GLN A 59 3.99 11.38 3.37
C GLN A 59 5.11 12.41 3.15
N ASP A 60 5.96 12.58 4.16
CA ASP A 60 7.08 13.53 4.14
C ASP A 60 7.85 13.67 2.82
N ASP A 61 7.87 12.62 2.01
CA ASP A 61 8.54 12.67 0.70
C ASP A 61 7.82 13.63 -0.23
N TYR A 62 6.56 13.98 0.09
CA TYR A 62 5.73 14.81 -0.77
C TYR A 62 5.39 16.17 -0.17
N GLN A 63 5.53 17.22 -0.97
CA GLN A 63 5.17 18.58 -0.59
C GLN A 63 4.02 18.99 -1.50
N LEU A 64 2.86 19.33 -0.92
CA LEU A 64 1.70 19.74 -1.73
C LEU A 64 1.91 21.13 -2.31
N VAL A 65 1.55 21.33 -3.59
CA VAL A 65 1.73 22.59 -4.33
C VAL A 65 0.42 23.36 -4.49
N ARG A 66 -0.62 22.72 -5.05
CA ARG A 66 -1.91 23.36 -5.33
C ARG A 66 -3.01 22.34 -5.53
N LYS A 67 -4.28 22.78 -5.41
CA LYS A 67 -5.46 21.95 -5.68
C LYS A 67 -5.58 21.83 -7.21
N LEU A 68 -5.82 20.60 -7.69
CA LEU A 68 -5.98 20.32 -9.12
C LEU A 68 -7.42 20.04 -9.49
N GLY A 69 -8.08 19.25 -8.63
CA GLY A 69 -9.46 18.81 -8.78
C GLY A 69 -10.06 18.46 -7.44
N ARG A 70 -11.35 18.09 -7.45
CA ARG A 70 -12.13 17.72 -6.27
C ARG A 70 -13.36 16.97 -6.76
N GLY A 71 -13.30 15.65 -6.70
CA GLY A 71 -14.37 14.77 -7.12
C GLY A 71 -15.25 14.29 -5.98
N LYS A 72 -16.10 13.29 -6.29
CA LYS A 72 -17.06 12.67 -5.37
C LYS A 72 -16.44 12.18 -4.05
N TYR A 73 -15.31 11.45 -4.11
CA TYR A 73 -14.72 10.93 -2.87
C TYR A 73 -13.23 11.28 -2.69
N SER A 74 -12.81 12.46 -3.22
CA SER A 74 -11.42 12.90 -3.09
C SER A 74 -11.17 14.41 -3.33
N GLU A 75 -9.99 14.87 -2.87
CA GLU A 75 -9.41 16.20 -3.06
C GLU A 75 -8.04 15.90 -3.70
N VAL A 76 -7.83 16.35 -4.94
CA VAL A 76 -6.62 16.07 -5.70
C VAL A 76 -5.70 17.27 -5.71
N PHE A 77 -4.40 17.03 -5.43
CA PHE A 77 -3.39 18.08 -5.36
C PHE A 77 -2.21 17.77 -6.24
N GLU A 78 -1.62 18.83 -6.84
CA GLU A 78 -0.36 18.72 -7.58
C GLU A 78 0.69 18.78 -6.47
N ALA A 79 1.69 17.88 -6.53
CA ALA A 79 2.72 17.82 -5.50
C ALA A 79 4.11 17.54 -6.08
N ILE A 80 5.15 17.78 -5.26
CA ILE A 80 6.54 17.51 -5.61
C ILE A 80 7.05 16.39 -4.70
N ASN A 81 7.67 15.36 -5.28
CA ASN A 81 8.35 14.33 -4.49
C ASN A 81 9.71 14.98 -4.28
N ILE A 82 9.98 15.38 -3.04
CA ILE A 82 11.20 16.12 -2.66
C ILE A 82 12.47 15.23 -2.61
N THR A 83 12.32 13.91 -2.82
CA THR A 83 13.47 13.00 -2.84
C THR A 83 14.07 12.89 -4.26
N ASN A 84 13.29 13.23 -5.31
CA ASN A 84 13.76 13.15 -6.70
C ASN A 84 13.34 14.33 -7.59
N ASN A 85 12.72 15.38 -7.00
CA ASN A 85 12.26 16.61 -7.68
C ASN A 85 11.21 16.32 -8.80
N GLU A 86 10.51 15.17 -8.73
CA GLU A 86 9.50 14.77 -9.70
C GLU A 86 8.11 15.25 -9.32
N LYS A 87 7.36 15.78 -10.30
CA LYS A 87 6.00 16.28 -10.16
C LYS A 87 5.05 15.08 -10.11
N VAL A 88 4.12 15.09 -9.14
CA VAL A 88 3.17 14.00 -8.92
C VAL A 88 1.79 14.57 -8.61
N VAL A 89 0.81 13.68 -8.47
CA VAL A 89 -0.54 14.03 -8.12
C VAL A 89 -0.88 13.24 -6.87
N VAL A 90 -1.44 13.91 -5.85
CA VAL A 90 -1.81 13.27 -4.58
C VAL A 90 -3.34 13.30 -4.50
N LYS A 91 -3.97 12.12 -4.50
CA LYS A 91 -5.42 12.00 -4.41
C LYS A 91 -5.72 11.65 -2.96
N ILE A 92 -6.16 12.67 -2.17
CA ILE A 92 -6.51 12.51 -0.75
C ILE A 92 -7.90 11.91 -0.72
N LEU A 93 -8.02 10.70 -0.18
CA LEU A 93 -9.27 9.95 -0.16
C LEU A 93 -10.19 10.36 0.99
N LYS A 94 -11.47 10.60 0.66
CA LYS A 94 -12.51 10.99 1.61
C LYS A 94 -13.02 9.76 2.41
N PRO A 95 -13.49 9.95 3.67
CA PRO A 95 -13.94 8.80 4.49
C PRO A 95 -14.99 7.90 3.83
N VAL A 96 -14.53 6.73 3.41
CA VAL A 96 -15.30 5.70 2.71
C VAL A 96 -14.94 4.32 3.31
N LYS A 97 -15.68 3.25 2.92
CA LYS A 97 -15.41 1.88 3.37
C LYS A 97 -13.95 1.50 3.05
N LYS A 98 -13.22 0.98 4.05
CA LYS A 98 -11.82 0.56 3.90
C LYS A 98 -11.67 -0.48 2.78
N LYS A 99 -12.72 -1.31 2.55
CA LYS A 99 -12.81 -2.34 1.52
C LYS A 99 -12.61 -1.73 0.13
N LYS A 100 -13.26 -0.55 -0.10
CA LYS A 100 -13.24 0.21 -1.36
C LYS A 100 -11.83 0.74 -1.66
N ILE A 101 -11.13 1.23 -0.63
CA ILE A 101 -9.77 1.74 -0.77
C ILE A 101 -8.84 0.58 -1.11
N LYS A 102 -8.99 -0.57 -0.43
CA LYS A 102 -8.19 -1.75 -0.72
C LYS A 102 -8.42 -2.25 -2.15
N ARG A 103 -9.67 -2.21 -2.63
CA ARG A 103 -10.00 -2.65 -3.98
C ARG A 103 -9.32 -1.77 -5.02
N GLU A 104 -9.41 -0.43 -4.86
CA GLU A 104 -8.79 0.52 -5.80
C GLU A 104 -7.27 0.31 -5.79
N ILE A 105 -6.66 0.23 -4.61
CA ILE A 105 -5.21 -0.04 -4.49
C ILE A 105 -4.81 -1.37 -5.17
N LYS A 106 -5.49 -2.49 -4.83
CA LYS A 106 -5.17 -3.80 -5.47
C LYS A 106 -5.27 -3.76 -7.01
N ILE A 107 -6.32 -3.12 -7.53
CA ILE A 107 -6.55 -3.03 -8.96
C ILE A 107 -5.46 -2.19 -9.65
N LEU A 108 -5.10 -1.06 -9.05
CA LEU A 108 -4.06 -0.17 -9.57
C LEU A 108 -2.71 -0.89 -9.58
N GLU A 109 -2.44 -1.69 -8.55
CA GLU A 109 -1.20 -2.46 -8.45
C GLU A 109 -1.16 -3.54 -9.50
N ASN A 110 -2.30 -4.23 -9.74
CA ASN A 110 -2.38 -5.25 -10.78
C ASN A 110 -2.17 -4.69 -12.19
N LEU A 111 -2.70 -3.49 -12.46
CA LEU A 111 -2.65 -2.90 -13.79
C LEU A 111 -1.49 -1.99 -14.05
N ARG A 112 -0.68 -1.72 -13.02
CA ARG A 112 0.48 -0.84 -13.07
C ARG A 112 1.40 -1.24 -14.21
N GLY A 113 1.61 -0.30 -15.13
CA GLY A 113 2.43 -0.50 -16.30
C GLY A 113 1.67 -0.88 -17.56
N GLY A 114 0.37 -1.14 -17.43
CA GLY A 114 -0.52 -1.45 -18.56
C GLY A 114 -0.61 -0.29 -19.53
N PRO A 115 -0.93 -0.52 -20.84
CA PRO A 115 -0.94 0.62 -21.78
C PRO A 115 -2.05 1.61 -21.45
N ASN A 116 -1.66 2.89 -21.29
CA ASN A 116 -2.54 4.03 -21.02
C ASN A 116 -3.32 3.93 -19.70
N ILE A 117 -2.75 3.21 -18.72
CA ILE A 117 -3.35 3.05 -17.38
C ILE A 117 -2.56 4.01 -16.52
N ILE A 118 -3.25 4.84 -15.72
CA ILE A 118 -2.54 5.73 -14.80
C ILE A 118 -1.62 4.91 -13.87
N THR A 119 -0.41 5.41 -13.62
CA THR A 119 0.56 4.72 -12.74
C THR A 119 0.41 5.18 -11.31
N LEU A 120 0.12 4.24 -10.42
CA LEU A 120 0.11 4.51 -8.98
C LEU A 120 1.59 4.45 -8.58
N ALA A 121 2.13 5.57 -8.11
CA ALA A 121 3.54 5.68 -7.70
C ALA A 121 3.77 5.33 -6.22
N ASP A 122 2.80 5.65 -5.35
CA ASP A 122 2.95 5.43 -3.91
C ASP A 122 1.59 5.50 -3.23
N ILE A 123 1.56 5.02 -1.99
CA ILE A 123 0.37 5.02 -1.15
C ILE A 123 0.84 5.60 0.17
N VAL A 124 0.28 6.73 0.57
CA VAL A 124 0.71 7.37 1.82
C VAL A 124 -0.43 7.77 2.74
N LYS A 125 -0.12 7.83 4.03
CA LYS A 125 -1.08 8.22 5.04
C LYS A 125 -0.54 9.44 5.79
N ASP A 126 -1.37 10.45 5.96
CA ASP A 126 -0.95 11.64 6.69
C ASP A 126 -0.72 11.21 8.12
N PRO A 127 0.53 11.35 8.61
CA PRO A 127 0.91 10.95 9.96
C PRO A 127 -0.08 11.35 11.06
N VAL A 128 -0.26 12.64 11.26
CA VAL A 128 -1.17 13.15 12.29
C VAL A 128 -2.66 12.83 12.14
N SER A 129 -3.20 12.96 10.93
CA SER A 129 -4.62 12.72 10.72
C SER A 129 -5.02 11.32 10.27
N ARG A 130 -4.04 10.46 9.98
CA ARG A 130 -4.30 9.09 9.52
C ARG A 130 -5.20 9.03 8.28
N THR A 131 -4.97 9.94 7.34
CA THR A 131 -5.77 10.02 6.11
C THR A 131 -5.05 9.37 4.95
N PRO A 132 -5.70 8.40 4.30
CA PRO A 132 -5.12 7.70 3.15
C PRO A 132 -5.00 8.64 1.95
N ALA A 133 -3.98 8.43 1.14
CA ALA A 133 -3.77 9.24 -0.04
C ALA A 133 -3.02 8.43 -1.09
N LEU A 134 -3.47 8.51 -2.33
CA LEU A 134 -2.84 7.77 -3.41
C LEU A 134 -1.99 8.75 -4.20
N VAL A 135 -0.78 8.35 -4.55
CA VAL A 135 0.15 9.21 -5.26
C VAL A 135 0.30 8.63 -6.68
N PHE A 136 0.04 9.47 -7.68
CA PHE A 136 0.05 9.09 -9.09
C PHE A 136 1.04 9.89 -9.90
N GLU A 137 1.36 9.36 -11.10
CA GLU A 137 2.11 10.13 -12.09
C GLU A 137 1.23 11.34 -12.43
N HIS A 138 1.87 12.49 -12.65
CA HIS A 138 1.17 13.69 -13.04
C HIS A 138 0.92 13.68 -14.55
N VAL A 139 -0.31 14.04 -14.98
CA VAL A 139 -0.66 14.20 -16.39
C VAL A 139 -1.07 15.68 -16.54
N ASN A 140 -0.50 16.38 -17.51
CA ASN A 140 -0.89 17.76 -17.77
C ASN A 140 -2.14 17.72 -18.68
N ASN A 141 -3.32 17.57 -18.06
CA ASN A 141 -4.62 17.40 -18.70
C ASN A 141 -5.13 18.62 -19.48
N THR A 142 -5.38 18.43 -20.78
CA THR A 142 -5.92 19.44 -21.70
C THR A 142 -7.44 19.57 -21.40
N ASP A 143 -7.99 20.79 -21.30
CA ASP A 143 -9.40 21.02 -20.96
C ASP A 143 -10.39 20.34 -21.92
N PHE A 144 -11.42 19.74 -21.35
CA PHE A 144 -12.51 19.07 -22.05
C PHE A 144 -13.15 19.93 -23.11
N LYS A 145 -13.62 21.11 -22.72
CA LYS A 145 -14.25 22.05 -23.64
C LYS A 145 -13.24 22.53 -24.71
N GLN A 146 -11.94 22.61 -24.34
CA GLN A 146 -10.85 23.01 -25.23
C GLN A 146 -10.59 21.94 -26.30
N LEU A 147 -10.63 20.64 -25.91
CA LEU A 147 -10.44 19.50 -26.82
C LEU A 147 -11.61 19.38 -27.79
N TYR A 148 -12.79 19.60 -27.25
CA TYR A 148 -14.03 19.53 -27.98
C TYR A 148 -14.06 20.33 -29.28
N GLN A 149 -13.38 21.45 -29.29
CA GLN A 149 -13.31 22.40 -30.42
C GLN A 149 -12.15 22.17 -31.40
N THR A 150 -10.95 21.84 -30.88
CA THR A 150 -9.74 21.68 -31.71
C THR A 150 -9.55 20.28 -32.33
N LEU A 151 -10.10 19.21 -31.70
CA LEU A 151 -9.92 17.83 -32.18
C LEU A 151 -10.45 17.61 -33.61
N THR A 152 -9.61 16.99 -34.44
CA THR A 152 -9.89 16.65 -35.82
C THR A 152 -10.48 15.22 -35.87
N ASP A 153 -10.95 14.79 -37.06
CA ASP A 153 -11.47 13.44 -37.29
C ASP A 153 -10.38 12.39 -36.99
N TYR A 154 -9.13 12.67 -37.35
CA TYR A 154 -8.06 11.73 -37.09
C TYR A 154 -7.73 11.68 -35.60
N ASP A 155 -7.79 12.83 -34.94
CA ASP A 155 -7.49 12.91 -33.52
C ASP A 155 -8.46 12.08 -32.70
N ILE A 156 -9.74 12.13 -33.05
CA ILE A 156 -10.74 11.37 -32.33
C ILE A 156 -10.49 9.88 -32.47
N ARG A 157 -10.14 9.45 -33.67
CA ARG A 157 -9.86 8.04 -33.93
C ARG A 157 -8.65 7.57 -33.13
N PHE A 158 -7.62 8.41 -33.10
CA PHE A 158 -6.40 8.06 -32.38
C PHE A 158 -6.63 7.89 -30.89
N TYR A 159 -7.36 8.82 -30.29
CA TYR A 159 -7.66 8.75 -28.86
C TYR A 159 -8.56 7.57 -28.50
N MET A 160 -9.56 7.32 -29.34
CA MET A 160 -10.47 6.20 -29.10
C MET A 160 -9.66 4.92 -29.07
N TYR A 161 -8.70 4.82 -29.99
CA TYR A 161 -7.83 3.66 -30.08
C TYR A 161 -6.97 3.50 -28.81
N GLU A 162 -6.46 4.63 -28.27
CA GLU A 162 -5.67 4.65 -27.02
C GLU A 162 -6.51 4.20 -25.83
N ILE A 163 -7.80 4.59 -25.77
CA ILE A 163 -8.72 4.17 -24.68
C ILE A 163 -8.98 2.66 -24.85
N LEU A 164 -9.17 2.22 -26.10
CA LEU A 164 -9.39 0.81 -26.37
C LEU A 164 -8.23 -0.05 -25.94
N LYS A 165 -6.99 0.46 -26.08
CA LYS A 165 -5.81 -0.27 -25.61
C LYS A 165 -5.87 -0.46 -24.11
N ALA A 166 -6.30 0.58 -23.37
CA ALA A 166 -6.38 0.52 -21.90
C ALA A 166 -7.47 -0.45 -21.47
N LEU A 167 -8.64 -0.44 -22.19
CA LEU A 167 -9.78 -1.31 -21.89
C LEU A 167 -9.50 -2.75 -22.23
N ASP A 168 -8.97 -3.02 -23.42
CA ASP A 168 -8.64 -4.41 -23.77
C ASP A 168 -7.63 -4.96 -22.74
N TYR A 169 -6.70 -4.12 -22.29
CA TYR A 169 -5.76 -4.55 -21.27
C TYR A 169 -6.43 -4.82 -19.92
N CYS A 170 -7.22 -3.85 -19.36
CA CYS A 170 -7.78 -4.16 -18.05
C CYS A 170 -8.80 -5.32 -18.11
N HIS A 171 -9.57 -5.44 -19.20
CA HIS A 171 -10.52 -6.55 -19.38
C HIS A 171 -9.72 -7.89 -19.45
N SER A 172 -8.56 -7.90 -20.14
CA SER A 172 -7.68 -9.09 -20.25
C SER A 172 -7.12 -9.45 -18.86
N MET A 173 -7.01 -8.46 -17.95
CA MET A 173 -6.51 -8.68 -16.60
C MET A 173 -7.70 -8.99 -15.63
N GLY A 174 -8.83 -9.33 -16.21
CA GLY A 174 -10.08 -9.68 -15.51
C GLY A 174 -10.68 -8.54 -14.72
N ILE A 175 -10.54 -7.30 -15.23
CA ILE A 175 -11.08 -6.11 -14.52
C ILE A 175 -11.98 -5.25 -15.38
N MET A 176 -13.14 -4.80 -14.82
CA MET A 176 -14.07 -3.84 -15.41
C MET A 176 -13.94 -2.50 -14.71
N HIS A 177 -13.75 -1.44 -15.49
CA HIS A 177 -13.52 -0.10 -14.93
C HIS A 177 -14.79 0.41 -14.21
N ARG A 178 -15.95 0.26 -14.87
CA ARG A 178 -17.29 0.63 -14.38
C ARG A 178 -17.48 2.15 -14.20
N ASP A 179 -16.53 3.00 -14.66
CA ASP A 179 -16.73 4.45 -14.57
C ASP A 179 -16.08 5.18 -15.76
N VAL A 180 -16.16 4.57 -16.94
CA VAL A 180 -15.64 5.16 -18.18
C VAL A 180 -16.47 6.42 -18.52
N LYS A 181 -15.78 7.57 -18.67
CA LYS A 181 -16.36 8.87 -18.98
C LYS A 181 -15.25 9.88 -19.30
N PRO A 182 -15.54 11.03 -19.97
CA PRO A 182 -14.46 11.97 -20.32
C PRO A 182 -13.66 12.47 -19.13
N HIS A 183 -14.30 12.73 -17.97
CA HIS A 183 -13.59 13.21 -16.78
C HIS A 183 -12.60 12.21 -16.23
N ASN A 184 -12.73 10.92 -16.59
CA ASN A 184 -11.81 9.88 -16.12
C ASN A 184 -10.82 9.46 -17.17
N VAL A 185 -10.67 10.30 -18.22
CA VAL A 185 -9.69 10.07 -19.27
C VAL A 185 -8.82 11.34 -19.34
N MET A 186 -7.55 11.24 -18.89
CA MET A 186 -6.63 12.40 -18.91
C MET A 186 -5.92 12.42 -20.24
N ILE A 187 -5.89 13.57 -20.90
CA ILE A 187 -5.24 13.65 -22.19
C ILE A 187 -4.31 14.84 -22.33
N ASP A 188 -3.03 14.57 -22.59
CA ASP A 188 -2.08 15.63 -22.81
C ASP A 188 -1.96 15.68 -24.33
N HIS A 189 -2.61 16.66 -24.94
CA HIS A 189 -2.62 16.79 -26.39
C HIS A 189 -1.27 17.10 -27.03
N GLU A 190 -0.48 17.94 -26.38
CA GLU A 190 0.81 18.31 -26.92
C GLU A 190 1.72 17.11 -27.05
N HIS A 191 1.70 16.24 -26.05
CA HIS A 191 2.52 15.04 -26.07
C HIS A 191 1.77 13.80 -26.54
N ARG A 192 0.51 14.00 -26.92
CA ARG A 192 -0.36 12.92 -27.41
C ARG A 192 -0.45 11.76 -26.43
N LYS A 193 -0.59 12.08 -25.14
CA LYS A 193 -0.65 11.06 -24.11
C LYS A 193 -2.02 10.97 -23.45
N LEU A 194 -2.54 9.75 -23.37
CA LEU A 194 -3.85 9.51 -22.77
C LEU A 194 -3.74 8.50 -21.63
N ARG A 195 -4.40 8.80 -20.51
CA ARG A 195 -4.37 7.92 -19.35
C ARG A 195 -5.76 7.70 -18.77
N LEU A 196 -6.15 6.44 -18.60
CA LEU A 196 -7.46 6.12 -18.02
C LEU A 196 -7.26 6.15 -16.49
N ILE A 197 -7.96 7.05 -15.81
CA ILE A 197 -7.84 7.24 -14.37
C ILE A 197 -9.09 6.80 -13.59
N ASP A 198 -9.05 7.03 -12.25
CA ASP A 198 -10.16 6.80 -11.32
C ASP A 198 -10.69 5.37 -11.37
N TRP A 199 -9.98 4.52 -10.70
CA TRP A 199 -10.23 3.09 -10.59
C TRP A 199 -10.99 2.77 -9.29
N GLY A 200 -11.59 3.78 -8.66
CA GLY A 200 -12.32 3.64 -7.41
C GLY A 200 -13.60 2.83 -7.49
N LEU A 201 -14.20 2.68 -8.69
CA LEU A 201 -15.42 1.86 -8.83
C LEU A 201 -15.14 0.54 -9.52
N ALA A 202 -13.89 0.34 -9.97
CA ALA A 202 -13.43 -0.87 -10.69
C ALA A 202 -13.64 -2.15 -9.90
N GLU A 203 -13.94 -3.26 -10.60
CA GLU A 203 -14.18 -4.55 -9.93
C GLU A 203 -13.61 -5.70 -10.75
N PHE A 204 -13.29 -6.82 -10.06
CA PHE A 204 -12.81 -8.05 -10.68
C PHE A 204 -14.00 -8.80 -11.25
N TYR A 205 -13.87 -9.27 -12.52
CA TYR A 205 -14.93 -10.03 -13.15
C TYR A 205 -14.85 -11.51 -12.80
N HIS A 206 -15.98 -12.08 -12.34
CA HIS A 206 -16.13 -13.49 -12.00
C HIS A 206 -17.38 -13.98 -12.71
N PRO A 207 -17.27 -14.98 -13.60
CA PRO A 207 -18.49 -15.45 -14.31
C PRO A 207 -19.62 -15.86 -13.37
N GLY A 208 -20.82 -15.35 -13.63
CA GLY A 208 -22.00 -15.64 -12.83
C GLY A 208 -22.19 -14.74 -11.61
N GLN A 209 -21.21 -13.87 -11.30
CA GLN A 209 -21.34 -13.00 -10.14
C GLN A 209 -22.39 -11.89 -10.37
N GLU A 210 -23.15 -11.55 -9.32
CA GLU A 210 -24.15 -10.49 -9.34
C GLU A 210 -23.54 -9.27 -8.72
N TYR A 211 -23.37 -8.22 -9.52
CA TYR A 211 -22.73 -6.97 -9.09
C TYR A 211 -23.72 -5.87 -8.72
N ASN A 212 -23.27 -4.86 -7.96
CA ASN A 212 -24.09 -3.70 -7.61
C ASN A 212 -24.29 -2.89 -8.91
N VAL A 213 -25.53 -2.48 -9.21
CA VAL A 213 -25.83 -1.70 -10.41
C VAL A 213 -25.64 -0.21 -10.17
N ARG A 214 -25.48 0.20 -8.91
CA ARG A 214 -25.24 1.60 -8.56
C ARG A 214 -23.76 1.98 -8.79
N VAL A 215 -23.29 1.86 -10.03
CA VAL A 215 -21.94 2.21 -10.46
C VAL A 215 -22.08 3.10 -11.68
N ALA A 216 -20.96 3.64 -12.18
CA ALA A 216 -20.89 4.53 -13.34
C ALA A 216 -21.61 5.86 -13.07
N SER A 217 -21.41 6.83 -13.97
CA SER A 217 -22.05 8.10 -13.83
C SER A 217 -23.27 8.04 -14.72
N ARG A 218 -24.38 8.58 -14.25
CA ARG A 218 -25.68 8.56 -14.92
C ARG A 218 -25.65 8.48 -16.46
N TYR A 219 -24.98 9.45 -17.12
CA TYR A 219 -25.01 9.54 -18.59
C TYR A 219 -24.36 8.38 -19.32
N PHE A 220 -23.46 7.68 -18.62
CA PHE A 220 -22.66 6.61 -19.17
C PHE A 220 -23.12 5.24 -18.69
N LYS A 221 -24.22 5.19 -17.90
CA LYS A 221 -24.73 3.92 -17.39
C LYS A 221 -25.34 3.06 -18.48
N GLY A 222 -24.90 1.80 -18.52
CA GLY A 222 -25.41 0.81 -19.45
C GLY A 222 -26.88 0.47 -19.20
N PRO A 223 -27.67 0.11 -20.26
CA PRO A 223 -29.08 -0.31 -20.01
C PRO A 223 -29.19 -1.39 -18.92
N GLU A 224 -28.18 -2.30 -18.80
CA GLU A 224 -28.13 -3.36 -17.78
C GLU A 224 -28.25 -2.79 -16.39
N LEU A 225 -27.59 -1.65 -16.13
CA LEU A 225 -27.61 -1.02 -14.81
C LEU A 225 -28.97 -0.39 -14.53
N LEU A 226 -29.55 0.26 -15.55
CA LEU A 226 -30.82 0.98 -15.42
C LEU A 226 -32.02 0.06 -15.26
N VAL A 227 -31.94 -1.17 -15.78
CA VAL A 227 -33.05 -2.15 -15.64
C VAL A 227 -32.78 -3.11 -14.46
N ASP A 228 -31.70 -2.84 -13.70
CA ASP A 228 -31.25 -3.62 -12.54
C ASP A 228 -30.87 -5.07 -12.87
N TYR A 229 -30.18 -5.28 -14.01
CA TYR A 229 -29.66 -6.60 -14.38
C TYR A 229 -28.23 -6.69 -13.79
N GLN A 230 -28.08 -7.49 -12.73
CA GLN A 230 -26.83 -7.57 -11.95
C GLN A 230 -25.70 -8.43 -12.54
N MET A 231 -26.01 -9.38 -13.43
CA MET A 231 -24.95 -10.24 -13.97
C MET A 231 -24.23 -9.65 -15.19
N TYR A 232 -23.76 -8.41 -15.07
CA TYR A 232 -23.11 -7.74 -16.18
C TYR A 232 -21.61 -8.05 -16.24
N ASP A 233 -20.92 -7.55 -17.28
CA ASP A 233 -19.50 -7.83 -17.48
C ASP A 233 -18.75 -6.61 -18.06
N TYR A 234 -17.57 -6.87 -18.69
CA TYR A 234 -16.70 -5.88 -19.35
C TYR A 234 -17.43 -5.02 -20.36
N SER A 235 -18.48 -5.59 -21.02
CA SER A 235 -19.29 -4.94 -22.05
C SER A 235 -19.94 -3.65 -21.54
N LEU A 236 -20.10 -3.50 -20.22
CA LEU A 236 -20.61 -2.27 -19.62
C LEU A 236 -19.70 -1.11 -20.04
N ASP A 237 -18.36 -1.34 -20.01
CA ASP A 237 -17.36 -0.33 -20.38
C ASP A 237 -17.48 0.06 -21.85
N MET A 238 -17.88 -0.89 -22.70
CA MET A 238 -18.06 -0.66 -24.15
C MET A 238 -19.27 0.25 -24.43
N TRP A 239 -20.32 0.16 -23.61
CA TRP A 239 -21.47 1.06 -23.71
C TRP A 239 -21.01 2.47 -23.40
N SER A 240 -20.32 2.66 -22.23
CA SER A 240 -19.83 3.98 -21.79
C SER A 240 -18.94 4.60 -22.85
N LEU A 241 -18.05 3.80 -23.45
CA LEU A 241 -17.19 4.26 -24.54
C LEU A 241 -18.00 4.76 -25.78
N GLY A 242 -19.07 4.04 -26.12
CA GLY A 242 -20.02 4.42 -27.17
C GLY A 242 -20.63 5.77 -26.89
N CYS A 243 -21.05 6.02 -25.61
CA CYS A 243 -21.64 7.32 -25.20
C CYS A 243 -20.64 8.47 -25.43
N MET A 244 -19.34 8.18 -25.16
CA MET A 244 -18.27 9.17 -25.33
C MET A 244 -18.04 9.46 -26.80
N LEU A 245 -17.97 8.40 -27.62
CA LEU A 245 -17.78 8.57 -29.06
C LEU A 245 -18.93 9.37 -29.67
N ALA A 246 -20.20 9.00 -29.35
CA ALA A 246 -21.39 9.73 -29.86
C ALA A 246 -21.35 11.21 -29.49
N SER A 247 -20.92 11.52 -28.29
CA SER A 247 -20.85 12.91 -27.89
C SER A 247 -19.81 13.68 -28.65
N MET A 248 -18.68 13.08 -28.97
CA MET A 248 -17.61 13.75 -29.70
C MET A 248 -17.95 13.95 -31.17
N ILE A 249 -18.38 12.90 -31.86
CA ILE A 249 -18.68 12.96 -33.29
C ILE A 249 -19.87 13.85 -33.59
N PHE A 250 -20.91 13.84 -32.73
CA PHE A 250 -22.11 14.64 -32.95
C PHE A 250 -22.08 15.99 -32.28
N ARG A 251 -21.07 16.23 -31.45
CA ARG A 251 -20.94 17.45 -30.68
C ARG A 251 -22.14 17.68 -29.79
N LYS A 252 -22.61 16.62 -29.16
CA LYS A 252 -23.70 16.71 -28.23
C LYS A 252 -23.24 16.09 -26.90
N GLU A 253 -22.98 16.90 -25.88
CA GLU A 253 -22.48 16.37 -24.61
C GLU A 253 -23.40 16.67 -23.44
N PRO A 254 -23.83 15.63 -22.74
CA PRO A 254 -23.69 14.21 -23.00
C PRO A 254 -24.62 13.76 -24.10
N PHE A 255 -24.45 12.56 -24.59
CA PHE A 255 -25.34 12.13 -25.64
C PHE A 255 -26.72 11.77 -25.13
N PHE A 256 -26.76 10.94 -24.12
CA PHE A 256 -28.00 10.47 -23.47
C PHE A 256 -28.14 11.25 -22.16
N HIS A 257 -28.89 12.39 -22.22
CA HIS A 257 -29.00 13.34 -21.13
C HIS A 257 -30.17 13.08 -20.17
N GLY A 258 -30.04 12.07 -19.32
CA GLY A 258 -31.06 11.75 -18.33
C GLY A 258 -31.01 12.73 -17.18
N HIS A 259 -32.16 13.02 -16.56
CA HIS A 259 -32.27 13.95 -15.41
C HIS A 259 -32.32 13.17 -14.11
N ASP A 260 -32.41 11.84 -14.20
CA ASP A 260 -32.41 10.88 -13.09
C ASP A 260 -32.15 9.50 -13.69
N ASN A 261 -31.99 8.45 -12.87
CA ASN A 261 -31.69 7.10 -13.38
C ASN A 261 -32.81 6.47 -14.22
N TYR A 262 -34.07 6.74 -13.87
CA TYR A 262 -35.20 6.21 -14.63
C TYR A 262 -35.28 6.92 -15.97
N ASP A 263 -35.15 8.25 -15.93
CA ASP A 263 -35.17 9.09 -17.13
C ASP A 263 -34.05 8.72 -18.08
N GLN A 264 -32.88 8.29 -17.52
CA GLN A 264 -31.74 7.90 -18.31
C GLN A 264 -32.12 6.81 -19.31
N LEU A 265 -32.89 5.80 -18.88
CA LEU A 265 -33.32 4.73 -19.78
C LEU A 265 -34.29 5.26 -20.87
N VAL A 266 -35.15 6.24 -20.50
CA VAL A 266 -36.07 6.86 -21.45
C VAL A 266 -35.24 7.55 -22.54
N ARG A 267 -34.17 8.30 -22.16
CA ARG A 267 -33.30 8.97 -23.13
C ARG A 267 -32.69 8.00 -24.11
N ILE A 268 -32.32 6.81 -23.61
CA ILE A 268 -31.73 5.73 -24.42
C ILE A 268 -32.82 5.21 -25.37
N ALA A 269 -34.03 5.00 -24.84
CA ALA A 269 -35.17 4.49 -25.62
C ALA A 269 -35.62 5.44 -26.72
N LYS A 270 -35.42 6.75 -26.54
CA LYS A 270 -35.78 7.76 -27.54
C LYS A 270 -34.90 7.70 -28.81
N VAL A 271 -33.75 6.99 -28.75
CA VAL A 271 -32.78 6.83 -29.86
C VAL A 271 -32.79 5.39 -30.35
N LEU A 272 -32.58 4.43 -29.42
CA LEU A 272 -32.56 3.02 -29.81
C LEU A 272 -33.95 2.39 -30.02
N GLY A 273 -35.01 3.06 -29.56
CA GLY A 273 -36.38 2.56 -29.65
C GLY A 273 -36.79 1.63 -28.51
N THR A 274 -38.11 1.52 -28.26
CA THR A 274 -38.63 0.66 -27.19
C THR A 274 -38.80 -0.81 -27.60
N GLU A 275 -38.93 -1.10 -28.93
CA GLU A 275 -39.07 -2.47 -29.40
C GLU A 275 -37.83 -3.26 -28.98
N ASP A 276 -36.62 -2.77 -29.32
CA ASP A 276 -35.39 -3.49 -28.94
C ASP A 276 -35.20 -3.55 -27.42
N LEU A 277 -35.74 -2.57 -26.66
CA LEU A 277 -35.68 -2.57 -25.20
C LEU A 277 -36.48 -3.77 -24.64
N TYR A 278 -37.74 -3.99 -25.13
CA TYR A 278 -38.55 -5.12 -24.67
C TYR A 278 -37.95 -6.45 -25.08
N ASP A 279 -37.36 -6.52 -26.30
CA ASP A 279 -36.65 -7.69 -26.79
C ASP A 279 -35.51 -8.06 -25.86
N TYR A 280 -34.77 -7.03 -25.34
CA TYR A 280 -33.65 -7.19 -24.43
C TYR A 280 -34.12 -7.75 -23.09
N ILE A 281 -35.14 -7.11 -22.46
CA ILE A 281 -35.63 -7.54 -21.15
C ILE A 281 -36.31 -8.94 -21.23
N ASP A 282 -36.94 -9.28 -22.37
CA ASP A 282 -37.55 -10.60 -22.55
C ASP A 282 -36.48 -11.67 -22.67
N LYS A 283 -35.39 -11.39 -23.44
CA LYS A 283 -34.26 -12.33 -23.60
C LYS A 283 -33.61 -12.68 -22.26
N TYR A 284 -33.52 -11.73 -21.33
CA TYR A 284 -32.89 -12.00 -20.03
C TYR A 284 -33.91 -12.17 -18.89
N ASN A 285 -35.21 -12.20 -19.22
CA ASN A 285 -36.34 -12.34 -18.28
C ASN A 285 -36.24 -11.31 -17.15
N ILE A 286 -35.94 -10.04 -17.54
CA ILE A 286 -35.74 -8.94 -16.60
C ILE A 286 -37.08 -8.40 -16.14
N GLU A 287 -37.22 -8.15 -14.83
CA GLU A 287 -38.41 -7.55 -14.24
C GLU A 287 -38.24 -6.04 -14.26
N LEU A 288 -38.99 -5.35 -15.14
CA LEU A 288 -38.92 -3.88 -15.26
C LEU A 288 -39.66 -3.22 -14.08
N ASP A 289 -38.96 -2.33 -13.37
CA ASP A 289 -39.49 -1.59 -12.20
C ASP A 289 -40.78 -0.84 -12.57
N PRO A 290 -41.81 -0.81 -11.69
CA PRO A 290 -43.05 -0.09 -12.04
C PRO A 290 -42.90 1.43 -12.26
N ARG A 291 -41.79 2.05 -11.79
CA ARG A 291 -41.53 3.48 -12.00
C ARG A 291 -41.34 3.82 -13.50
N PHE A 292 -41.09 2.80 -14.35
CA PHE A 292 -40.95 2.96 -15.80
C PHE A 292 -42.31 2.96 -16.51
N ASN A 293 -43.38 2.52 -15.81
CA ASN A 293 -44.74 2.40 -16.34
C ASN A 293 -45.28 3.66 -17.02
N ASP A 294 -45.18 4.82 -16.36
CA ASP A 294 -45.72 6.08 -16.88
C ASP A 294 -44.74 6.96 -17.66
N ILE A 295 -43.44 6.60 -17.73
CA ILE A 295 -42.46 7.46 -18.38
C ILE A 295 -41.85 6.89 -19.67
N LEU A 296 -41.80 5.57 -19.81
CA LEU A 296 -41.13 4.93 -20.95
C LEU A 296 -41.74 5.23 -22.31
N GLY A 297 -43.06 5.15 -22.40
CA GLY A 297 -43.78 5.37 -23.64
C GLY A 297 -43.44 4.38 -24.74
N ARG A 298 -43.59 4.81 -26.00
CA ARG A 298 -43.35 4.04 -27.22
C ARG A 298 -42.50 4.89 -28.12
N HIS A 299 -41.39 4.35 -28.62
CA HIS A 299 -40.45 5.12 -29.44
C HIS A 299 -39.88 4.27 -30.54
N SER A 300 -39.74 4.84 -31.74
CA SER A 300 -39.14 4.14 -32.87
C SER A 300 -37.62 4.29 -32.77
N ARG A 301 -36.89 3.40 -33.41
CA ARG A 301 -35.43 3.44 -33.48
C ARG A 301 -35.06 4.59 -34.44
N LYS A 302 -34.13 5.47 -34.05
CA LYS A 302 -33.71 6.58 -34.93
C LYS A 302 -32.49 6.18 -35.76
N ARG A 303 -32.35 6.70 -36.98
CA ARG A 303 -31.18 6.41 -37.82
C ARG A 303 -30.05 7.30 -37.31
N TRP A 304 -28.82 6.78 -37.16
CA TRP A 304 -27.66 7.58 -36.68
C TRP A 304 -27.39 8.83 -37.53
N GLU A 305 -27.71 8.77 -38.85
CA GLU A 305 -27.57 9.87 -39.81
C GLU A 305 -28.38 11.13 -39.40
N ARG A 306 -29.44 10.98 -38.59
CA ARG A 306 -30.28 12.10 -38.12
C ARG A 306 -29.56 13.07 -37.16
N PHE A 307 -28.45 12.64 -36.54
CA PHE A 307 -27.68 13.48 -35.60
C PHE A 307 -26.58 14.28 -36.33
N VAL A 308 -26.42 14.08 -37.66
CA VAL A 308 -25.42 14.77 -38.49
C VAL A 308 -25.94 16.18 -38.84
N HIS A 309 -25.11 17.23 -38.60
CA HIS A 309 -25.42 18.65 -38.85
C HIS A 309 -24.17 19.32 -39.40
N SER A 310 -24.27 20.60 -39.81
CA SER A 310 -23.13 21.36 -40.35
C SER A 310 -21.97 21.53 -39.38
N GLU A 311 -22.29 21.71 -38.09
CA GLU A 311 -21.27 21.86 -37.04
C GLU A 311 -20.47 20.57 -36.74
N ASN A 312 -21.00 19.38 -37.11
CA ASN A 312 -20.32 18.13 -36.79
C ASN A 312 -19.98 17.23 -37.98
N GLN A 313 -20.41 17.58 -39.20
CA GLN A 313 -20.22 16.72 -40.38
C GLN A 313 -18.75 16.39 -40.69
N HIS A 314 -17.79 17.26 -40.28
CA HIS A 314 -16.36 17.00 -40.48
C HIS A 314 -15.82 15.88 -39.56
N LEU A 315 -16.60 15.45 -38.56
CA LEU A 315 -16.17 14.41 -37.61
C LEU A 315 -16.90 13.09 -37.83
N VAL A 316 -17.96 13.11 -38.65
CA VAL A 316 -18.81 11.96 -38.94
C VAL A 316 -18.42 11.36 -40.29
N SER A 317 -18.54 10.04 -40.41
CA SER A 317 -18.25 9.29 -41.62
C SER A 317 -19.05 7.97 -41.60
N PRO A 318 -19.23 7.25 -42.74
CA PRO A 318 -19.93 5.95 -42.68
C PRO A 318 -19.30 4.96 -41.66
N GLU A 319 -17.95 4.94 -41.55
CA GLU A 319 -17.21 4.05 -40.62
C GLU A 319 -17.50 4.42 -39.17
N ALA A 320 -17.54 5.73 -38.85
CA ALA A 320 -17.83 6.24 -37.50
C ALA A 320 -19.22 5.79 -37.06
N LEU A 321 -20.24 5.97 -37.93
CA LEU A 321 -21.63 5.57 -37.66
C LEU A 321 -21.79 4.06 -37.51
N ASP A 322 -21.06 3.29 -38.33
CA ASP A 322 -21.12 1.84 -38.27
C ASP A 322 -20.50 1.36 -36.97
N PHE A 323 -19.36 1.95 -36.56
CA PHE A 323 -18.66 1.62 -35.32
C PHE A 323 -19.56 1.94 -34.13
N LEU A 324 -20.14 3.15 -34.12
CA LEU A 324 -21.04 3.60 -33.05
C LEU A 324 -22.24 2.67 -32.87
N ASP A 325 -22.86 2.26 -34.00
CA ASP A 325 -24.01 1.37 -34.00
C ASP A 325 -23.71 0.01 -33.34
N LYS A 326 -22.44 -0.44 -33.44
CA LYS A 326 -21.94 -1.71 -32.91
C LYS A 326 -21.56 -1.67 -31.40
N LEU A 327 -21.52 -0.46 -30.78
CA LEU A 327 -21.22 -0.27 -29.34
C LEU A 327 -22.50 0.04 -28.58
N LEU A 328 -23.35 0.91 -29.16
CA LEU A 328 -24.60 1.33 -28.52
C LEU A 328 -25.74 0.37 -28.82
N ARG A 329 -25.67 -0.84 -28.23
CA ARG A 329 -26.70 -1.89 -28.35
C ARG A 329 -27.23 -2.19 -26.95
N TYR A 330 -28.57 -2.37 -26.76
CA TYR A 330 -29.15 -2.76 -25.46
C TYR A 330 -28.50 -4.03 -24.96
N ASP A 331 -28.47 -5.06 -25.84
CA ASP A 331 -27.93 -6.36 -25.50
C ASP A 331 -26.42 -6.29 -25.32
N HIS A 332 -25.99 -6.33 -24.05
CA HIS A 332 -24.58 -6.25 -23.67
C HIS A 332 -23.69 -7.32 -24.36
N GLN A 333 -24.26 -8.53 -24.64
CA GLN A 333 -23.58 -9.61 -25.37
C GLN A 333 -23.37 -9.31 -26.88
N SER A 334 -24.22 -8.45 -27.46
N SER A 334 -24.21 -8.47 -27.48
CA SER A 334 -24.20 -8.04 -28.87
CA SER A 334 -24.10 -8.14 -28.90
C SER A 334 -23.22 -6.91 -29.19
C SER A 334 -23.08 -7.02 -29.19
N ARG A 335 -22.69 -6.23 -28.16
CA ARG A 335 -21.72 -5.12 -28.32
C ARG A 335 -20.34 -5.66 -28.70
N LEU A 336 -19.56 -4.84 -29.44
CA LEU A 336 -18.17 -5.22 -29.77
C LEU A 336 -17.37 -5.32 -28.47
N THR A 337 -16.41 -6.23 -28.42
CA THR A 337 -15.48 -6.34 -27.28
C THR A 337 -14.40 -5.28 -27.60
N ALA A 338 -13.54 -4.89 -26.64
CA ALA A 338 -12.49 -3.89 -26.93
C ALA A 338 -11.57 -4.36 -28.09
N ARG A 339 -11.23 -5.67 -28.14
CA ARG A 339 -10.41 -6.27 -29.21
C ARG A 339 -11.08 -6.24 -30.58
N GLU A 340 -12.39 -6.56 -30.68
CA GLU A 340 -13.12 -6.48 -31.95
C GLU A 340 -13.19 -5.03 -32.42
N ALA A 341 -13.41 -4.08 -31.46
CA ALA A 341 -13.47 -2.65 -31.78
C ALA A 341 -12.18 -2.16 -32.43
N MET A 342 -11.03 -2.65 -31.96
CA MET A 342 -9.71 -2.27 -32.49
C MET A 342 -9.50 -2.70 -33.96
N GLU A 343 -10.24 -3.73 -34.40
CA GLU A 343 -10.14 -4.28 -35.76
C GLU A 343 -11.11 -3.60 -36.73
N HIS A 344 -11.94 -2.67 -36.24
CA HIS A 344 -12.97 -2.00 -37.03
C HIS A 344 -12.40 -1.04 -38.09
N PRO A 345 -13.01 -0.98 -39.31
CA PRO A 345 -12.54 -0.03 -40.35
C PRO A 345 -12.39 1.44 -39.94
N TYR A 346 -13.02 1.86 -38.83
CA TYR A 346 -12.90 3.22 -38.30
C TYR A 346 -11.44 3.55 -37.91
N PHE A 347 -10.64 2.55 -37.50
CA PHE A 347 -9.25 2.75 -37.05
C PHE A 347 -8.14 2.43 -38.08
N TYR A 348 -8.48 2.16 -39.35
CA TYR A 348 -7.45 1.82 -40.37
C TYR A 348 -6.37 2.93 -40.57
N THR A 349 -6.74 4.20 -40.35
CA THR A 349 -5.83 5.35 -40.46
C THR A 349 -4.92 5.54 -39.24
N VAL A 350 -5.21 4.80 -38.14
CA VAL A 350 -4.42 4.89 -36.90
C VAL A 350 -3.66 3.58 -36.69
N GLY B 26 30.89 17.85 30.63
CA GLY B 26 30.23 16.56 30.66
C GLY B 26 30.29 15.83 29.32
N PRO B 27 29.36 14.91 29.01
CA PRO B 27 29.44 14.23 27.70
C PRO B 27 29.08 15.16 26.54
N VAL B 28 29.76 14.99 25.40
CA VAL B 28 29.57 15.75 24.16
C VAL B 28 28.15 15.44 23.56
N PRO B 29 27.37 16.45 23.08
CA PRO B 29 26.07 16.15 22.48
C PRO B 29 26.14 15.47 21.11
N SER B 30 25.07 14.73 20.78
CA SER B 30 24.92 13.98 19.55
C SER B 30 23.47 14.03 19.05
N ARG B 31 23.30 13.86 17.75
CA ARG B 31 22.00 13.75 17.13
C ARG B 31 22.05 12.81 15.93
N ALA B 32 20.90 12.21 15.61
CA ALA B 32 20.76 11.30 14.46
C ALA B 32 21.20 11.98 13.18
N ARG B 33 21.84 11.25 12.26
CA ARG B 33 22.29 11.81 10.96
C ARG B 33 21.14 11.86 9.96
N VAL B 34 20.05 11.12 10.22
CA VAL B 34 18.88 11.04 9.36
C VAL B 34 17.64 11.28 10.22
N TYR B 35 16.56 11.83 9.62
CA TYR B 35 15.25 12.05 10.27
C TYR B 35 15.37 12.71 11.64
N THR B 36 16.32 13.60 11.75
CA THR B 36 16.68 14.28 12.99
C THR B 36 15.51 15.05 13.57
N ASP B 37 14.84 15.85 12.74
CA ASP B 37 13.79 16.77 13.20
C ASP B 37 12.36 16.41 12.81
N VAL B 38 12.08 15.13 12.54
CA VAL B 38 10.74 14.73 12.12
C VAL B 38 9.70 15.01 13.21
N ASN B 39 10.02 14.75 14.48
CA ASN B 39 9.02 15.01 15.53
C ASN B 39 8.92 16.51 15.88
N THR B 40 10.01 17.25 15.74
N THR B 40 9.99 17.24 15.69
CA THR B 40 10.05 18.70 16.03
CA THR B 40 10.00 18.67 15.99
C THR B 40 9.04 19.44 15.13
C THR B 40 9.01 19.42 15.11
N HIS B 41 8.94 19.01 13.85
CA HIS B 41 8.08 19.62 12.86
C HIS B 41 6.64 19.10 12.82
N ARG B 42 6.29 18.17 13.72
N ARG B 42 6.29 18.17 13.72
CA ARG B 42 4.96 17.58 13.81
CA ARG B 42 4.96 17.58 13.82
C ARG B 42 4.21 18.09 15.05
C ARG B 42 4.21 18.10 15.05
N PRO B 43 2.86 18.19 15.03
CA PRO B 43 2.14 18.68 16.23
C PRO B 43 2.21 17.69 17.40
N SER B 44 2.04 18.22 18.64
CA SER B 44 2.06 17.45 19.87
C SER B 44 1.16 16.20 19.81
N GLU B 45 0.02 16.25 19.05
CA GLU B 45 -0.90 15.12 18.88
C GLU B 45 -0.16 13.84 18.41
N TYR B 46 0.86 14.01 17.56
CA TYR B 46 1.62 12.89 17.00
C TYR B 46 2.49 12.15 18.04
N TRP B 47 3.28 12.89 18.84
CA TRP B 47 4.26 12.32 19.76
C TRP B 47 3.90 12.41 21.24
N ASP B 48 2.90 13.19 21.59
CA ASP B 48 2.50 13.37 22.99
C ASP B 48 1.53 12.25 23.32
N TYR B 49 2.10 11.09 23.64
CA TYR B 49 1.32 9.88 23.95
C TYR B 49 0.57 9.94 25.27
N GLU B 50 1.06 10.72 26.25
CA GLU B 50 0.41 10.91 27.56
C GLU B 50 -0.99 11.51 27.40
N SER B 51 -1.16 12.39 26.40
CA SER B 51 -2.44 13.05 26.12
C SER B 51 -3.34 12.29 25.15
N HIS B 52 -2.81 11.20 24.50
CA HIS B 52 -3.57 10.39 23.56
C HIS B 52 -4.76 9.72 24.23
N VAL B 53 -5.91 9.79 23.57
CA VAL B 53 -7.16 9.22 24.06
C VAL B 53 -7.32 7.83 23.47
N VAL B 54 -7.28 6.84 24.35
CA VAL B 54 -7.38 5.46 23.94
C VAL B 54 -8.84 5.02 24.08
N GLU B 55 -9.40 4.43 23.02
CA GLU B 55 -10.76 3.92 23.02
C GLU B 55 -10.75 2.38 23.03
N TRP B 56 -11.22 1.80 24.13
CA TRP B 56 -11.28 0.34 24.38
C TRP B 56 -12.44 -0.32 23.67
N GLY B 57 -12.11 -1.35 22.90
CA GLY B 57 -13.05 -2.17 22.14
C GLY B 57 -13.75 -3.20 23.00
N ASN B 58 -14.41 -4.14 22.32
CA ASN B 58 -15.17 -5.20 22.95
C ASN B 58 -14.43 -6.53 22.91
N GLN B 59 -14.03 -6.96 24.11
CA GLN B 59 -13.33 -8.22 24.44
C GLN B 59 -14.10 -9.44 23.99
N ASP B 60 -15.44 -9.37 24.07
CA ASP B 60 -16.35 -10.45 23.70
C ASP B 60 -16.27 -10.81 22.23
N ASP B 61 -15.66 -9.96 21.38
CA ASP B 61 -15.45 -10.31 19.97
C ASP B 61 -14.34 -11.37 19.84
N TYR B 62 -13.52 -11.55 20.88
CA TYR B 62 -12.37 -12.46 20.85
C TYR B 62 -12.51 -13.65 21.79
N GLN B 63 -12.19 -14.83 21.28
CA GLN B 63 -12.20 -16.04 22.08
C GLN B 63 -10.77 -16.55 22.08
N LEU B 64 -10.16 -16.70 23.27
CA LEU B 64 -8.78 -17.18 23.38
C LEU B 64 -8.67 -18.68 23.04
N VAL B 65 -7.66 -19.06 22.26
CA VAL B 65 -7.40 -20.42 21.77
C VAL B 65 -6.28 -21.11 22.55
N ARG B 66 -5.10 -20.47 22.63
CA ARG B 66 -3.93 -21.08 23.30
C ARG B 66 -2.87 -20.03 23.61
N LYS B 67 -1.94 -20.34 24.52
CA LYS B 67 -0.81 -19.49 24.86
C LYS B 67 0.19 -19.60 23.69
N LEU B 68 0.72 -18.46 23.23
CA LEU B 68 1.68 -18.41 22.13
C LEU B 68 3.08 -18.10 22.63
N GLY B 69 3.15 -17.15 23.54
CA GLY B 69 4.36 -16.63 24.14
C GLY B 69 4.08 -16.00 25.49
N ARG B 70 5.15 -15.53 26.15
CA ARG B 70 5.11 -14.94 27.49
C ARG B 70 6.44 -14.23 27.68
N GLY B 71 6.44 -12.92 27.51
CA GLY B 71 7.65 -12.10 27.68
C GLY B 71 7.72 -11.41 29.03
N LYS B 72 8.73 -10.54 29.20
CA LYS B 72 8.95 -9.75 30.43
C LYS B 72 7.71 -8.96 30.85
N TYR B 73 6.93 -8.46 29.87
CA TYR B 73 5.77 -7.59 30.09
C TYR B 73 4.38 -8.14 29.70
N SER B 74 4.27 -9.41 29.24
CA SER B 74 2.97 -9.88 28.79
C SER B 74 2.77 -11.38 28.74
N GLU B 75 1.50 -11.79 28.50
CA GLU B 75 1.07 -13.18 28.24
C GLU B 75 0.34 -13.05 26.91
N VAL B 76 0.84 -13.73 25.88
CA VAL B 76 0.35 -13.62 24.52
C VAL B 76 -0.42 -14.88 24.12
N PHE B 77 -1.63 -14.69 23.60
CA PHE B 77 -2.52 -15.78 23.23
C PHE B 77 -2.96 -15.72 21.80
N GLU B 78 -3.17 -16.86 21.20
CA GLU B 78 -3.74 -16.95 19.86
C GLU B 78 -5.22 -16.90 20.16
N ALA B 79 -5.98 -16.18 19.34
CA ALA B 79 -7.41 -16.02 19.52
C ALA B 79 -8.15 -16.05 18.21
N ILE B 80 -9.46 -16.18 18.29
CA ILE B 80 -10.34 -16.15 17.15
C ILE B 80 -11.20 -14.92 17.29
N ASN B 81 -11.27 -14.11 16.24
CA ASN B 81 -12.20 -12.98 16.22
C ASN B 81 -13.53 -13.68 15.80
N ILE B 82 -14.51 -13.83 16.74
CA ILE B 82 -15.76 -14.58 16.52
C ILE B 82 -16.77 -13.82 15.63
N THR B 83 -16.48 -12.57 15.25
CA THR B 83 -17.34 -11.81 14.36
C THR B 83 -16.99 -12.09 12.89
N ASN B 84 -15.75 -12.59 12.59
CA ASN B 84 -15.32 -12.87 11.21
C ASN B 84 -14.55 -14.21 11.05
N ASN B 85 -14.45 -15.01 12.13
CA ASN B 85 -13.74 -16.32 12.18
C ASN B 85 -12.23 -16.20 11.81
N GLU B 86 -11.63 -15.00 11.99
CA GLU B 86 -10.21 -14.75 11.70
C GLU B 86 -9.33 -14.90 12.93
N LYS B 87 -8.15 -15.54 12.75
CA LYS B 87 -7.19 -15.71 13.82
C LYS B 87 -6.53 -14.37 14.12
N VAL B 88 -6.37 -14.07 15.42
CA VAL B 88 -5.68 -12.87 15.91
C VAL B 88 -4.77 -13.27 17.05
N VAL B 89 -4.00 -12.30 17.55
CA VAL B 89 -3.12 -12.52 18.68
C VAL B 89 -3.52 -11.49 19.72
N VAL B 90 -3.71 -11.93 20.97
CA VAL B 90 -4.08 -11.05 22.09
C VAL B 90 -2.89 -10.97 23.05
N LYS B 91 -2.33 -9.78 23.21
CA LYS B 91 -1.19 -9.57 24.11
C LYS B 91 -1.77 -8.93 25.38
N ILE B 92 -1.91 -9.73 26.45
CA ILE B 92 -2.46 -9.29 27.75
C ILE B 92 -1.30 -8.63 28.50
N LEU B 93 -1.44 -7.36 28.87
CA LEU B 93 -0.32 -6.63 29.44
C LEU B 93 -0.21 -6.76 30.97
N LYS B 94 1.02 -7.07 31.46
CA LYS B 94 1.33 -7.24 32.88
C LYS B 94 1.37 -5.89 33.62
N PRO B 95 1.12 -5.85 34.97
CA PRO B 95 1.08 -4.54 35.67
C PRO B 95 2.35 -3.69 35.53
N VAL B 96 2.23 -2.64 34.73
CA VAL B 96 3.31 -1.72 34.39
C VAL B 96 2.76 -0.28 34.42
N LYS B 97 3.65 0.73 34.33
CA LYS B 97 3.25 2.15 34.30
C LYS B 97 2.26 2.38 33.14
N LYS B 98 1.13 3.04 33.44
CA LYS B 98 0.08 3.35 32.46
C LYS B 98 0.64 4.15 31.27
N LYS B 99 1.67 4.98 31.55
CA LYS B 99 2.40 5.81 30.57
C LYS B 99 2.99 4.94 29.45
N LYS B 100 3.59 3.78 29.83
CA LYS B 100 4.23 2.82 28.95
C LYS B 100 3.22 2.16 28.02
N ILE B 101 2.02 1.82 28.54
CA ILE B 101 0.93 1.23 27.74
C ILE B 101 0.45 2.25 26.72
N LYS B 102 0.25 3.51 27.16
CA LYS B 102 -0.16 4.57 26.25
C LYS B 102 0.88 4.81 25.14
N ARG B 103 2.17 4.77 25.50
CA ARG B 103 3.27 4.95 24.56
C ARG B 103 3.25 3.87 23.48
N GLU B 104 3.15 2.59 23.86
CA GLU B 104 3.10 1.46 22.92
C GLU B 104 1.89 1.59 22.01
N ILE B 105 0.71 1.88 22.58
CA ILE B 105 -0.52 2.08 21.77
C ILE B 105 -0.33 3.24 20.77
N LYS B 106 0.18 4.39 21.22
CA LYS B 106 0.36 5.52 20.29
C LYS B 106 1.31 5.22 19.13
N ILE B 107 2.46 4.60 19.43
CA ILE B 107 3.47 4.21 18.40
C ILE B 107 2.87 3.23 17.42
N LEU B 108 2.18 2.22 17.94
CA LEU B 108 1.56 1.22 17.05
C LEU B 108 0.51 1.87 16.13
N GLU B 109 -0.27 2.83 16.66
CA GLU B 109 -1.27 3.55 15.85
C GLU B 109 -0.58 4.41 14.80
N ASN B 110 0.54 5.06 15.18
CA ASN B 110 1.30 5.89 14.23
C ASN B 110 1.91 5.07 13.10
N LEU B 111 2.38 3.84 13.41
CA LEU B 111 3.08 3.01 12.43
C LEU B 111 2.20 2.04 11.68
N ARG B 112 0.93 1.97 12.06
CA ARG B 112 -0.03 1.04 11.50
C ARG B 112 -0.09 1.19 9.97
N GLY B 113 0.19 0.10 9.28
CA GLY B 113 0.19 0.04 7.82
C GLY B 113 1.57 0.17 7.23
N GLY B 114 2.59 0.48 8.05
CA GLY B 114 3.97 0.56 7.62
C GLY B 114 4.50 -0.77 7.11
N PRO B 115 5.52 -0.79 6.21
CA PRO B 115 5.98 -2.09 5.69
C PRO B 115 6.61 -2.97 6.77
N ASN B 116 6.09 -4.21 6.91
CA ASN B 116 6.56 -5.22 7.86
C ASN B 116 6.47 -4.81 9.33
N ILE B 117 5.51 -3.95 9.64
CA ILE B 117 5.23 -3.50 11.01
C ILE B 117 4.02 -4.28 11.40
N ILE B 118 4.05 -4.91 12.57
CA ILE B 118 2.86 -5.64 13.05
C ILE B 118 1.66 -4.69 13.10
N THR B 119 0.49 -5.16 12.68
CA THR B 119 -0.74 -4.35 12.69
C THR B 119 -1.48 -4.51 13.98
N LEU B 120 -1.69 -3.40 14.70
CA LEU B 120 -2.55 -3.40 15.88
C LEU B 120 -3.98 -3.34 15.32
N ALA B 121 -4.77 -4.37 15.59
CA ALA B 121 -6.15 -4.48 15.10
C ALA B 121 -7.17 -3.90 16.07
N ASP B 122 -6.92 -3.96 17.40
CA ASP B 122 -7.87 -3.51 18.42
C ASP B 122 -7.17 -3.38 19.75
N ILE B 123 -7.85 -2.75 20.71
CA ILE B 123 -7.37 -2.51 22.07
C ILE B 123 -8.57 -2.86 22.92
N VAL B 124 -8.42 -3.79 23.85
CA VAL B 124 -9.57 -4.26 24.65
C VAL B 124 -9.23 -4.34 26.13
N LYS B 125 -10.26 -4.41 26.97
CA LYS B 125 -10.09 -4.52 28.41
C LYS B 125 -10.94 -5.64 28.97
N ASP B 126 -10.43 -6.35 29.98
CA ASP B 126 -11.16 -7.42 30.64
C ASP B 126 -12.24 -6.74 31.49
N PRO B 127 -13.55 -6.95 31.22
CA PRO B 127 -14.59 -6.25 32.01
C PRO B 127 -14.54 -6.40 33.54
N VAL B 128 -13.92 -7.48 34.06
CA VAL B 128 -13.84 -7.74 35.51
C VAL B 128 -12.50 -7.25 36.14
N SER B 129 -11.35 -7.78 35.69
CA SER B 129 -10.04 -7.40 36.25
C SER B 129 -9.55 -6.06 35.68
N ARG B 130 -10.16 -5.60 34.56
CA ARG B 130 -9.85 -4.36 33.86
C ARG B 130 -8.40 -4.35 33.30
N THR B 131 -7.84 -5.55 33.05
CA THR B 131 -6.51 -5.74 32.49
C THR B 131 -6.55 -5.28 31.03
N PRO B 132 -5.60 -4.45 30.58
CA PRO B 132 -5.59 -4.05 29.16
C PRO B 132 -5.02 -5.18 28.29
N ALA B 133 -5.44 -5.23 27.02
CA ALA B 133 -4.90 -6.19 26.09
C ALA B 133 -4.86 -5.58 24.71
N LEU B 134 -3.77 -5.85 23.97
CA LEU B 134 -3.61 -5.38 22.61
C LEU B 134 -3.91 -6.55 21.67
N VAL B 135 -4.66 -6.29 20.62
CA VAL B 135 -5.04 -7.32 19.66
C VAL B 135 -4.31 -7.03 18.34
N PHE B 136 -3.59 -8.01 17.85
CA PHE B 136 -2.77 -7.89 16.65
C PHE B 136 -3.17 -8.87 15.59
N GLU B 137 -2.66 -8.62 14.35
CA GLU B 137 -2.77 -9.59 13.27
C GLU B 137 -1.93 -10.79 13.73
N HIS B 138 -2.40 -11.99 13.39
CA HIS B 138 -1.68 -13.20 13.72
C HIS B 138 -0.60 -13.45 12.67
N VAL B 139 0.61 -13.84 13.12
CA VAL B 139 1.68 -14.29 12.24
C VAL B 139 1.97 -15.76 12.62
N ASN B 140 1.97 -16.66 11.64
CA ASN B 140 2.28 -18.06 11.90
C ASN B 140 3.82 -18.20 11.94
N ASN B 141 4.41 -17.90 13.10
CA ASN B 141 5.85 -17.82 13.35
C ASN B 141 6.58 -19.16 13.27
N THR B 142 7.55 -19.24 12.34
CA THR B 142 8.39 -20.41 12.10
C THR B 142 9.38 -20.51 13.25
N ASP B 143 9.53 -21.75 13.76
CA ASP B 143 10.39 -22.07 14.89
C ASP B 143 11.85 -21.74 14.58
N PHE B 144 12.40 -20.78 15.35
CA PHE B 144 13.76 -20.23 15.23
C PHE B 144 14.86 -21.30 15.17
N LYS B 145 14.72 -22.41 15.93
CA LYS B 145 15.69 -23.51 15.94
C LYS B 145 15.59 -24.29 14.64
N GLN B 146 14.36 -24.50 14.16
CA GLN B 146 14.07 -25.20 12.92
C GLN B 146 14.43 -24.34 11.69
N LEU B 147 14.44 -22.99 11.86
CA LEU B 147 14.76 -21.98 10.85
C LEU B 147 16.28 -21.83 10.70
N TYR B 148 17.00 -21.82 11.84
CA TYR B 148 18.45 -21.71 12.03
C TYR B 148 19.29 -22.62 11.11
N GLN B 149 18.77 -23.82 10.75
CA GLN B 149 19.47 -24.78 9.90
C GLN B 149 19.04 -24.77 8.43
N THR B 150 17.75 -24.45 8.13
CA THR B 150 17.23 -24.46 6.76
C THR B 150 17.55 -23.20 5.93
N LEU B 151 17.72 -22.02 6.58
CA LEU B 151 17.96 -20.75 5.88
C LEU B 151 19.23 -20.76 5.03
N THR B 152 19.09 -20.34 3.78
CA THR B 152 20.19 -20.26 2.81
C THR B 152 20.75 -18.83 2.87
N ASP B 153 21.88 -18.59 2.19
CA ASP B 153 22.51 -17.28 2.06
C ASP B 153 21.46 -16.27 1.49
N TYR B 154 20.71 -16.65 0.44
CA TYR B 154 19.69 -15.80 -0.15
C TYR B 154 18.60 -15.41 0.86
N ASP B 155 18.11 -16.39 1.67
CA ASP B 155 17.05 -16.17 2.68
C ASP B 155 17.47 -15.13 3.73
N ILE B 156 18.72 -15.20 4.17
CA ILE B 156 19.28 -14.26 5.15
C ILE B 156 19.24 -12.86 4.57
N ARG B 157 19.73 -12.70 3.30
CA ARG B 157 19.72 -11.40 2.60
C ARG B 157 18.29 -10.88 2.47
N PHE B 158 17.34 -11.78 2.12
CA PHE B 158 15.93 -11.42 1.91
C PHE B 158 15.30 -10.90 3.20
N TYR B 159 15.40 -11.67 4.30
CA TYR B 159 14.82 -11.28 5.59
C TYR B 159 15.49 -10.04 6.21
N MET B 160 16.82 -9.89 6.04
CA MET B 160 17.53 -8.69 6.53
C MET B 160 16.95 -7.44 5.82
N TYR B 161 16.70 -7.54 4.51
CA TYR B 161 16.11 -6.46 3.73
C TYR B 161 14.70 -6.11 4.20
N GLU B 162 13.89 -7.11 4.54
CA GLU B 162 12.52 -6.93 5.07
C GLU B 162 12.55 -6.22 6.43
N ILE B 163 13.54 -6.52 7.30
CA ILE B 163 13.68 -5.85 8.61
C ILE B 163 14.09 -4.40 8.35
N LEU B 164 15.01 -4.22 7.38
CA LEU B 164 15.46 -2.86 7.04
C LEU B 164 14.32 -1.99 6.56
N LYS B 165 13.36 -2.58 5.82
CA LYS B 165 12.19 -1.82 5.36
C LYS B 165 11.40 -1.33 6.56
N ALA B 166 11.26 -2.19 7.59
CA ALA B 166 10.48 -1.82 8.79
C ALA B 166 11.19 -0.74 9.60
N LEU B 167 12.54 -0.84 9.70
CA LEU B 167 13.36 0.12 10.45
C LEU B 167 13.45 1.45 9.75
N ASP B 168 13.70 1.44 8.45
CA ASP B 168 13.74 2.73 7.73
C ASP B 168 12.39 3.44 7.87
N TYR B 169 11.30 2.65 7.86
CA TYR B 169 10.00 3.24 8.01
C TYR B 169 9.79 3.80 9.43
N CYS B 170 10.00 3.01 10.51
CA CYS B 170 9.75 3.58 11.83
C CYS B 170 10.70 4.73 12.16
N HIS B 171 11.97 4.68 11.72
CA HIS B 171 12.91 5.78 11.92
C HIS B 171 12.38 7.04 11.17
N SER B 172 11.89 6.88 9.91
CA SER B 172 11.33 8.03 9.15
C SER B 172 10.10 8.66 9.83
N MET B 173 9.36 7.86 10.63
CA MET B 173 8.20 8.24 11.45
C MET B 173 8.62 8.75 12.89
N GLY B 174 9.92 9.01 13.08
CA GLY B 174 10.51 9.51 14.33
C GLY B 174 10.46 8.57 15.53
N ILE B 175 10.55 7.26 15.27
CA ILE B 175 10.50 6.27 16.34
C ILE B 175 11.72 5.36 16.30
N MET B 176 12.26 5.08 17.48
CA MET B 176 13.37 4.12 17.68
C MET B 176 12.67 2.87 18.27
N HIS B 177 12.98 1.67 17.78
CA HIS B 177 12.31 0.47 18.30
C HIS B 177 12.88 0.08 19.69
N ARG B 178 14.22 0.14 19.81
CA ARG B 178 14.98 -0.08 21.05
C ARG B 178 14.89 -1.50 21.61
N ASP B 179 14.35 -2.48 20.88
CA ASP B 179 14.38 -3.88 21.35
C ASP B 179 14.49 -4.85 20.17
N VAL B 180 15.30 -4.48 19.19
CA VAL B 180 15.47 -5.29 17.99
C VAL B 180 16.26 -6.57 18.41
N LYS B 181 15.67 -7.76 18.13
CA LYS B 181 16.25 -9.06 18.45
C LYS B 181 15.43 -10.17 17.74
N PRO B 182 15.94 -11.42 17.59
CA PRO B 182 15.18 -12.45 16.86
C PRO B 182 13.81 -12.71 17.42
N HIS B 183 13.64 -12.73 18.75
CA HIS B 183 12.33 -12.99 19.36
C HIS B 183 11.30 -11.93 19.06
N ASN B 184 11.71 -10.72 18.63
CA ASN B 184 10.80 -9.64 18.28
C ASN B 184 10.64 -9.47 16.77
N VAL B 185 11.04 -10.49 16.01
CA VAL B 185 10.88 -10.52 14.56
C VAL B 185 10.11 -11.83 14.21
N MET B 186 8.83 -11.71 13.82
CA MET B 186 8.03 -12.90 13.46
C MET B 186 8.21 -13.20 11.99
N ILE B 187 8.51 -14.46 11.67
CA ILE B 187 8.68 -14.85 10.28
C ILE B 187 7.77 -16.06 9.97
N ASP B 188 6.91 -15.92 8.96
CA ASP B 188 6.06 -17.02 8.45
C ASP B 188 6.81 -17.43 7.18
N HIS B 189 7.80 -18.33 7.31
CA HIS B 189 8.73 -18.70 6.25
C HIS B 189 8.06 -19.21 4.96
N GLU B 190 6.98 -20.01 5.11
CA GLU B 190 6.18 -20.57 4.00
C GLU B 190 5.64 -19.45 3.09
N HIS B 191 5.23 -18.30 3.68
CA HIS B 191 4.70 -17.16 2.93
C HIS B 191 5.72 -16.02 2.78
N ARG B 192 6.96 -16.25 3.27
CA ARG B 192 8.07 -15.28 3.26
C ARG B 192 7.58 -13.93 3.82
N LYS B 193 6.83 -14.02 4.93
CA LYS B 193 6.19 -12.89 5.58
C LYS B 193 6.97 -12.57 6.86
N LEU B 194 7.39 -11.32 7.00
CA LEU B 194 8.12 -10.88 8.18
C LEU B 194 7.41 -9.70 8.85
N ARG B 195 7.28 -9.74 10.18
CA ARG B 195 6.73 -8.63 10.96
C ARG B 195 7.62 -8.27 12.15
N LEU B 196 7.93 -6.97 12.31
CA LEU B 196 8.67 -6.50 13.48
C LEU B 196 7.62 -6.25 14.57
N ILE B 197 7.75 -6.95 15.70
CA ILE B 197 6.77 -6.85 16.80
C ILE B 197 7.35 -6.22 18.04
N ASP B 198 6.54 -6.22 19.13
CA ASP B 198 6.95 -5.77 20.46
C ASP B 198 7.52 -4.35 20.47
N TRP B 199 6.61 -3.39 20.44
CA TRP B 199 6.90 -1.97 20.42
C TRP B 199 6.77 -1.37 21.81
N GLY B 200 6.80 -2.22 22.83
CA GLY B 200 6.69 -1.79 24.24
C GLY B 200 7.85 -0.95 24.76
N LEU B 201 9.03 -1.04 24.13
CA LEU B 201 10.18 -0.26 24.60
C LEU B 201 10.46 0.87 23.61
N ALA B 202 9.73 0.94 22.50
CA ALA B 202 9.95 1.94 21.46
C ALA B 202 9.68 3.37 21.99
N GLU B 203 10.39 4.35 21.45
CA GLU B 203 10.22 5.71 21.92
C GLU B 203 10.30 6.69 20.73
N PHE B 204 9.75 7.90 20.91
CA PHE B 204 9.85 8.98 19.95
C PHE B 204 11.22 9.63 20.07
N TYR B 205 11.92 9.81 18.93
CA TYR B 205 13.20 10.44 18.89
C TYR B 205 13.02 11.98 18.86
N HIS B 206 13.66 12.69 19.81
CA HIS B 206 13.66 14.16 19.93
C HIS B 206 15.15 14.52 20.03
N PRO B 207 15.69 15.25 19.03
CA PRO B 207 17.12 15.57 19.06
C PRO B 207 17.55 16.20 20.39
N GLY B 208 18.66 15.72 20.95
CA GLY B 208 19.22 16.23 22.20
C GLY B 208 18.62 15.64 23.46
N GLN B 209 17.58 14.78 23.32
CA GLN B 209 16.94 14.18 24.49
C GLN B 209 17.84 13.10 25.10
N GLU B 210 17.84 13.00 26.44
CA GLU B 210 18.62 12.00 27.17
C GLU B 210 17.68 10.90 27.53
N TYR B 211 17.92 9.70 26.95
CA TYR B 211 17.05 8.56 27.16
C TYR B 211 17.55 7.59 28.23
N ASN B 212 16.68 6.73 28.74
CA ASN B 212 17.07 5.68 29.69
C ASN B 212 17.92 4.67 28.91
N VAL B 213 19.08 4.27 29.47
CA VAL B 213 19.94 3.28 28.79
C VAL B 213 19.53 1.87 29.11
N ARG B 214 18.64 1.70 30.10
CA ARG B 214 18.13 0.38 30.48
C ARG B 214 17.04 -0.09 29.52
N VAL B 215 17.38 -0.21 28.25
CA VAL B 215 16.47 -0.67 27.19
C VAL B 215 17.18 -1.82 26.45
N ALA B 216 16.46 -2.48 25.52
CA ALA B 216 16.92 -3.60 24.71
C ALA B 216 17.31 -4.78 25.59
N SER B 217 17.65 -5.88 24.97
CA SER B 217 18.00 -7.08 25.68
C SER B 217 19.52 -7.13 25.64
N ARG B 218 20.14 -7.55 26.73
CA ARG B 218 21.60 -7.56 26.94
C ARG B 218 22.42 -7.80 25.68
N TYR B 219 22.20 -8.91 25.00
CA TYR B 219 23.04 -9.28 23.88
C TYR B 219 22.99 -8.34 22.69
N PHE B 220 21.93 -7.53 22.61
CA PHE B 220 21.65 -6.63 21.50
C PHE B 220 21.88 -5.20 21.88
N LYS B 221 22.35 -4.96 23.11
CA LYS B 221 22.55 -3.55 23.57
C LYS B 221 23.78 -2.94 22.87
N GLY B 222 23.60 -1.78 22.29
CA GLY B 222 24.70 -1.07 21.67
C GLY B 222 25.68 -0.54 22.69
N PRO B 223 26.92 -0.28 22.25
CA PRO B 223 27.95 0.26 23.18
C PRO B 223 27.49 1.55 23.91
N GLU B 224 26.67 2.41 23.26
CA GLU B 224 26.14 3.65 23.86
C GLU B 224 25.40 3.36 25.14
N LEU B 225 24.63 2.27 25.17
CA LEU B 225 23.84 1.91 26.35
C LEU B 225 24.76 1.39 27.47
N LEU B 226 25.75 0.59 27.10
CA LEU B 226 26.67 -0.03 28.06
C LEU B 226 27.64 0.95 28.67
N VAL B 227 27.98 2.05 27.98
CA VAL B 227 28.89 3.08 28.57
C VAL B 227 28.07 4.24 29.21
N ASP B 228 26.74 4.07 29.27
CA ASP B 228 25.76 5.02 29.82
C ASP B 228 25.75 6.35 29.07
N TYR B 229 25.83 6.32 27.72
CA TYR B 229 25.71 7.51 26.90
C TYR B 229 24.21 7.65 26.56
N GLN B 230 23.54 8.62 27.18
CA GLN B 230 22.09 8.79 27.09
C GLN B 230 21.56 9.46 25.82
N MET B 231 22.36 10.22 25.10
CA MET B 231 21.86 10.94 23.92
C MET B 231 21.92 10.09 22.65
N TYR B 232 21.36 8.89 22.71
CA TYR B 232 21.42 8.01 21.55
C TYR B 232 20.23 8.24 20.59
N ASP B 233 20.21 7.51 19.45
CA ASP B 233 19.16 7.71 18.45
C ASP B 233 18.80 6.39 17.75
N TYR B 234 18.26 6.48 16.52
CA TYR B 234 17.85 5.36 15.65
C TYR B 234 18.96 4.34 15.42
N SER B 235 20.22 4.81 15.42
CA SER B 235 21.42 4.02 15.17
C SER B 235 21.59 2.89 16.17
N LEU B 236 20.93 2.98 17.34
CA LEU B 236 20.92 1.91 18.33
C LEU B 236 20.33 0.66 17.67
N ASP B 237 19.23 0.84 16.89
CA ASP B 237 18.55 -0.26 16.18
C ASP B 237 19.47 -0.92 15.16
N MET B 238 20.37 -0.13 14.56
CA MET B 238 21.31 -0.65 13.55
C MET B 238 22.39 -1.55 14.19
N TRP B 239 22.77 -1.25 15.44
CA TRP B 239 23.72 -2.11 16.16
C TRP B 239 23.02 -3.46 16.42
N SER B 240 21.81 -3.43 16.97
CA SER B 240 21.05 -4.66 17.30
C SER B 240 20.87 -5.52 16.05
N LEU B 241 20.56 -4.87 14.90
CA LEU B 241 20.44 -5.58 13.63
C LEU B 241 21.78 -6.28 13.22
N GLY B 242 22.90 -5.60 13.42
CA GLY B 242 24.25 -6.13 13.20
C GLY B 242 24.50 -7.36 14.06
N CYS B 243 24.05 -7.35 15.35
CA CYS B 243 24.19 -8.52 16.25
C CYS B 243 23.41 -9.72 15.70
N MET B 244 22.24 -9.45 15.14
CA MET B 244 21.39 -10.51 14.56
C MET B 244 22.03 -11.07 13.30
N LEU B 245 22.54 -10.19 12.43
CA LEU B 245 23.21 -10.64 11.19
C LEU B 245 24.43 -11.50 11.54
N ALA B 246 25.31 -11.02 12.46
CA ALA B 246 26.48 -11.77 12.87
C ALA B 246 26.11 -13.16 13.42
N SER B 247 25.06 -13.25 14.23
CA SER B 247 24.66 -14.56 14.77
C SER B 247 24.17 -15.50 13.68
N MET B 248 23.51 -14.99 12.64
CA MET B 248 23.00 -15.85 11.57
C MET B 248 24.10 -16.29 10.63
N ILE B 249 24.92 -15.34 10.09
CA ILE B 249 25.95 -15.76 9.14
C ILE B 249 27.09 -16.59 9.80
N PHE B 250 27.39 -16.37 11.09
CA PHE B 250 28.44 -17.14 11.76
C PHE B 250 27.92 -18.34 12.53
N ARG B 251 26.59 -18.46 12.66
CA ARG B 251 25.94 -19.55 13.44
C ARG B 251 26.48 -19.55 14.87
N LYS B 252 26.39 -18.40 15.53
CA LYS B 252 26.85 -18.24 16.90
C LYS B 252 25.79 -17.36 17.58
N GLU B 253 24.87 -17.95 18.37
CA GLU B 253 23.80 -17.16 19.03
C GLU B 253 23.86 -17.25 20.56
N PRO B 254 23.92 -16.10 21.25
CA PRO B 254 24.09 -14.74 20.67
C PRO B 254 25.51 -14.57 20.19
N PHE B 255 25.76 -13.56 19.35
CA PHE B 255 27.11 -13.29 18.91
C PHE B 255 27.97 -12.72 20.04
N PHE B 256 27.44 -11.72 20.77
CA PHE B 256 28.20 -11.15 21.90
C PHE B 256 27.50 -11.65 23.11
N HIS B 257 28.07 -12.65 23.77
CA HIS B 257 27.44 -13.34 24.89
C HIS B 257 27.90 -12.85 26.27
N GLY B 258 27.40 -11.69 26.68
CA GLY B 258 27.74 -11.13 27.99
C GLY B 258 26.94 -11.83 29.05
N HIS B 259 27.50 -11.93 30.27
CA HIS B 259 26.82 -12.57 31.41
C HIS B 259 26.18 -11.51 32.31
N ASP B 260 26.50 -10.26 32.05
CA ASP B 260 25.94 -9.08 32.71
C ASP B 260 26.17 -7.88 31.81
N ASN B 261 25.66 -6.67 32.16
CA ASN B 261 25.81 -5.49 31.33
C ASN B 261 27.26 -5.01 31.16
N TYR B 262 28.08 -5.15 32.21
CA TYR B 262 29.49 -4.73 32.15
C TYR B 262 30.26 -5.72 31.24
N ASP B 263 30.09 -6.99 31.47
CA ASP B 263 30.71 -8.05 30.69
C ASP B 263 30.27 -7.99 29.21
N GLN B 264 29.05 -7.48 28.94
CA GLN B 264 28.57 -7.33 27.58
C GLN B 264 29.53 -6.45 26.79
N LEU B 265 29.97 -5.32 27.36
CA LEU B 265 30.94 -4.44 26.67
C LEU B 265 32.29 -5.16 26.45
N VAL B 266 32.76 -5.94 27.43
CA VAL B 266 34.03 -6.72 27.34
C VAL B 266 33.90 -7.73 26.16
N ARG B 267 32.72 -8.41 26.02
CA ARG B 267 32.50 -9.31 24.85
C ARG B 267 32.62 -8.59 23.55
N ILE B 268 32.10 -7.37 23.48
CA ILE B 268 32.23 -6.57 22.25
C ILE B 268 33.70 -6.19 22.04
N ALA B 269 34.38 -5.74 23.13
CA ALA B 269 35.78 -5.30 23.04
C ALA B 269 36.70 -6.44 22.62
N LYS B 270 36.32 -7.69 22.91
CA LYS B 270 37.12 -8.86 22.50
C LYS B 270 37.10 -9.08 20.99
N VAL B 271 36.19 -8.40 20.29
CA VAL B 271 36.00 -8.52 18.82
C VAL B 271 36.45 -7.22 18.19
N LEU B 272 35.80 -6.09 18.53
CA LEU B 272 36.13 -4.78 17.95
C LEU B 272 37.44 -4.15 18.46
N GLY B 273 37.99 -4.69 19.55
CA GLY B 273 39.21 -4.14 20.16
C GLY B 273 38.99 -2.97 21.12
N THR B 274 39.92 -2.75 22.00
CA THR B 274 39.83 -1.66 22.98
C THR B 274 40.29 -0.31 22.44
N GLU B 275 41.16 -0.29 21.40
CA GLU B 275 41.65 1.00 20.85
C GLU B 275 40.46 1.80 20.32
N ASP B 276 39.61 1.19 19.48
CA ASP B 276 38.43 1.90 18.95
C ASP B 276 37.42 2.26 20.06
N LEU B 277 37.38 1.47 21.15
CA LEU B 277 36.51 1.78 22.29
C LEU B 277 36.95 3.10 22.96
N TYR B 278 38.28 3.29 23.20
CA TYR B 278 38.77 4.52 23.81
C TYR B 278 38.59 5.71 22.88
N ASP B 279 38.77 5.50 21.56
CA ASP B 279 38.51 6.52 20.54
C ASP B 279 37.06 7.00 20.60
N TYR B 280 36.13 6.05 20.81
CA TYR B 280 34.70 6.35 20.90
C TYR B 280 34.39 7.18 22.15
N ILE B 281 34.83 6.73 23.33
CA ILE B 281 34.54 7.43 24.57
C ILE B 281 35.24 8.82 24.63
N ASP B 282 36.41 8.95 23.99
CA ASP B 282 37.12 10.25 23.93
C ASP B 282 36.36 11.22 23.04
N LYS B 283 35.87 10.76 21.88
CA LYS B 283 35.09 11.59 20.96
C LYS B 283 33.84 12.17 21.61
N TYR B 284 33.17 11.41 22.49
CA TYR B 284 31.95 11.88 23.13
C TYR B 284 32.17 12.34 24.58
N ASN B 285 33.46 12.36 25.03
CA ASN B 285 33.87 12.74 26.39
C ASN B 285 33.09 11.93 27.44
N ILE B 286 32.94 10.61 27.19
CA ILE B 286 32.17 9.70 28.06
C ILE B 286 32.99 9.32 29.27
N GLU B 287 32.37 9.34 30.43
CA GLU B 287 32.99 8.91 31.68
C GLU B 287 32.73 7.40 31.83
N LEU B 288 33.77 6.59 31.68
CA LEU B 288 33.68 5.13 31.82
C LEU B 288 33.57 4.75 33.29
N ASP B 289 32.51 4.02 33.65
CA ASP B 289 32.22 3.56 35.02
C ASP B 289 33.43 2.81 35.61
N PRO B 290 33.78 3.02 36.92
CA PRO B 290 34.95 2.31 37.48
C PRO B 290 34.84 0.77 37.49
N ARG B 291 33.62 0.21 37.38
CA ARG B 291 33.42 -1.25 37.33
C ARG B 291 34.09 -1.89 36.09
N PHE B 292 34.43 -1.07 35.07
CA PHE B 292 35.12 -1.52 33.86
C PHE B 292 36.64 -1.61 34.07
N ASN B 293 37.15 -0.99 35.16
CA ASN B 293 38.58 -0.90 35.49
C ASN B 293 39.33 -2.24 35.47
N ASP B 294 38.81 -3.25 36.16
CA ASP B 294 39.46 -4.56 36.26
C ASP B 294 39.02 -5.62 35.24
N ILE B 295 37.99 -5.35 34.41
CA ILE B 295 37.47 -6.37 33.50
C ILE B 295 37.71 -6.10 32.02
N LEU B 296 37.90 -4.82 31.62
CA LEU B 296 38.02 -4.46 30.21
C LEU B 296 39.25 -5.02 29.53
N GLY B 297 40.41 -4.90 30.20
CA GLY B 297 41.67 -5.36 29.65
C GLY B 297 42.10 -4.62 28.39
N ARG B 298 42.90 -5.30 27.56
CA ARG B 298 43.45 -4.81 26.30
C ARG B 298 43.17 -5.87 25.29
N HIS B 299 42.57 -5.48 24.17
CA HIS B 299 42.21 -6.46 23.13
C HIS B 299 42.45 -5.87 21.77
N SER B 300 43.02 -6.66 20.88
CA SER B 300 43.22 -6.23 19.50
C SER B 300 41.89 -6.41 18.74
N ARG B 301 41.73 -5.67 17.66
CA ARG B 301 40.59 -5.77 16.76
C ARG B 301 40.72 -7.10 16.01
N LYS B 302 39.66 -7.93 15.97
CA LYS B 302 39.72 -9.20 15.26
C LYS B 302 39.23 -8.99 13.82
N ARG B 303 39.80 -9.71 12.85
CA ARG B 303 39.33 -9.65 11.47
C ARG B 303 38.02 -10.45 11.43
N TRP B 304 36.96 -9.97 10.74
CA TRP B 304 35.69 -10.71 10.65
C TRP B 304 35.84 -12.11 10.04
N GLU B 305 36.86 -12.30 9.17
CA GLU B 305 37.20 -13.59 8.52
C GLU B 305 37.52 -14.68 9.55
N ARG B 306 37.94 -14.32 10.80
CA ARG B 306 38.27 -15.28 11.86
C ARG B 306 37.07 -16.06 12.40
N PHE B 307 35.82 -15.57 12.20
CA PHE B 307 34.60 -16.25 12.66
C PHE B 307 34.05 -17.21 11.61
N VAL B 308 34.69 -17.29 10.42
CA VAL B 308 34.30 -18.19 9.30
C VAL B 308 34.84 -19.61 9.61
N HIS B 309 33.97 -20.64 9.54
CA HIS B 309 34.26 -22.05 9.79
C HIS B 309 33.53 -22.88 8.77
N SER B 310 33.76 -24.21 8.76
CA SER B 310 33.10 -25.11 7.79
C SER B 310 31.58 -25.14 7.92
N GLU B 311 31.09 -25.06 9.18
CA GLU B 311 29.63 -25.06 9.44
C GLU B 311 28.91 -23.79 8.95
N ASN B 312 29.63 -22.66 8.75
CA ASN B 312 28.96 -21.41 8.35
C ASN B 312 29.46 -20.77 7.03
N GLN B 313 30.50 -21.35 6.39
CA GLN B 313 31.10 -20.72 5.21
C GLN B 313 30.11 -20.53 4.03
N HIS B 314 29.04 -21.36 3.95
CA HIS B 314 28.02 -21.21 2.92
C HIS B 314 27.14 -19.97 3.10
N LEU B 315 27.21 -19.29 4.27
CA LEU B 315 26.36 -18.12 4.56
C LEU B 315 27.19 -16.83 4.56
N VAL B 316 28.51 -16.95 4.54
CA VAL B 316 29.45 -15.84 4.59
C VAL B 316 29.95 -15.53 3.19
N SER B 317 30.21 -14.24 2.91
CA SER B 317 30.75 -13.76 1.63
C SER B 317 31.50 -12.45 1.88
N PRO B 318 32.36 -11.96 0.94
CA PRO B 318 33.00 -10.65 1.16
C PRO B 318 31.99 -9.51 1.40
N GLU B 319 30.84 -9.52 0.70
CA GLU B 319 29.77 -8.49 0.84
C GLU B 319 29.14 -8.55 2.23
N ALA B 320 28.87 -9.76 2.75
CA ALA B 320 28.28 -9.97 4.08
C ALA B 320 29.19 -9.38 5.14
N LEU B 321 30.52 -9.69 5.07
CA LEU B 321 31.53 -9.18 6.02
C LEU B 321 31.67 -7.68 5.95
N ASP B 322 31.63 -7.12 4.73
CA ASP B 322 31.74 -5.67 4.56
C ASP B 322 30.52 -4.98 5.14
N PHE B 323 29.31 -5.53 4.91
CA PHE B 323 28.05 -5.00 5.44
C PHE B 323 28.07 -5.04 6.96
N LEU B 324 28.45 -6.20 7.52
CA LEU B 324 28.54 -6.39 8.97
C LEU B 324 29.47 -5.40 9.63
N ASP B 325 30.65 -5.18 9.02
CA ASP B 325 31.66 -4.26 9.52
C ASP B 325 31.14 -2.81 9.61
N LYS B 326 30.20 -2.46 8.73
CA LYS B 326 29.58 -1.12 8.64
C LYS B 326 28.41 -0.89 9.62
N LEU B 327 27.91 -1.95 10.29
CA LEU B 327 26.83 -1.86 11.31
C LEU B 327 27.42 -1.98 12.70
N LEU B 328 28.39 -2.92 12.88
CA LEU B 328 28.99 -3.15 14.17
C LEU B 328 30.17 -2.23 14.41
N ARG B 329 29.87 -0.93 14.62
CA ARG B 329 30.86 0.11 14.92
C ARG B 329 30.51 0.69 16.28
N TYR B 330 31.52 0.94 17.16
CA TYR B 330 31.27 1.61 18.45
C TYR B 330 30.55 2.93 18.21
N ASP B 331 31.08 3.75 17.30
CA ASP B 331 30.54 5.09 17.05
C ASP B 331 29.22 5.01 16.36
N HIS B 332 28.15 5.26 17.11
CA HIS B 332 26.76 5.21 16.63
C HIS B 332 26.52 6.08 15.38
N GLN B 333 27.22 7.24 15.26
CA GLN B 333 27.13 8.11 14.08
C GLN B 333 27.83 7.52 12.82
N SER B 334 28.80 6.64 13.01
N SER B 334 28.82 6.66 12.98
CA SER B 334 29.57 5.97 11.93
CA SER B 334 29.52 6.05 11.83
C SER B 334 28.87 4.75 11.32
C SER B 334 28.76 4.85 11.22
N ARG B 335 27.80 4.25 11.98
CA ARG B 335 27.02 3.10 11.51
C ARG B 335 26.15 3.48 10.32
N LEU B 336 25.86 2.50 9.42
CA LEU B 336 24.95 2.77 8.30
C LEU B 336 23.57 3.08 8.87
N THR B 337 22.83 3.97 8.21
CA THR B 337 21.41 4.23 8.54
C THR B 337 20.65 3.08 7.87
N ALA B 338 19.37 2.84 8.19
CA ALA B 338 18.63 1.75 7.53
C ALA B 338 18.58 1.95 5.99
N ARG B 339 18.44 3.21 5.51
CA ARG B 339 18.41 3.55 4.08
C ARG B 339 19.75 3.31 3.38
N GLU B 340 20.89 3.68 4.00
CA GLU B 340 22.21 3.39 3.42
C GLU B 340 22.43 1.86 3.37
N ALA B 341 21.99 1.13 4.43
CA ALA B 341 22.12 -0.33 4.47
C ALA B 341 21.40 -0.99 3.30
N MET B 342 20.24 -0.47 2.92
CA MET B 342 19.45 -1.02 1.80
C MET B 342 20.15 -0.89 0.44
N GLU B 343 21.08 0.06 0.32
CA GLU B 343 21.84 0.33 -0.93
C GLU B 343 23.13 -0.47 -1.00
N HIS B 344 23.44 -1.28 0.04
CA HIS B 344 24.69 -2.03 0.13
C HIS B 344 24.79 -3.20 -0.86
N PRO B 345 25.98 -3.46 -1.46
CA PRO B 345 26.13 -4.61 -2.39
C PRO B 345 25.65 -5.98 -1.89
N TYR B 346 25.51 -6.15 -0.57
CA TYR B 346 24.99 -7.39 0.03
C TYR B 346 23.54 -7.66 -0.44
N PHE B 347 22.80 -6.58 -0.75
CA PHE B 347 21.38 -6.70 -1.16
C PHE B 347 21.07 -6.68 -2.67
N TYR B 348 22.07 -6.72 -3.55
CA TYR B 348 21.83 -6.64 -5.01
C TYR B 348 20.96 -7.80 -5.57
N THR B 349 21.07 -8.99 -4.96
CA THR B 349 20.31 -10.19 -5.37
C THR B 349 18.86 -10.21 -4.85
N VAL B 350 18.52 -9.28 -3.94
CA VAL B 350 17.17 -9.18 -3.38
C VAL B 350 16.48 -7.92 -3.89
MG MG C . -13.49 10.85 -11.45
MG MG D . -7.32 8.25 -10.24
PB ADP E . -12.73 10.97 -7.99
O1B ADP E . -12.89 9.44 -7.73
O2B ADP E . -13.55 11.37 -9.26
O3B ADP E . -13.11 11.79 -6.78
PA ADP E . -10.31 11.18 -9.65
O1A ADP E . -9.37 10.03 -9.65
O2A ADP E . -11.28 11.06 -10.86
O3A ADP E . -11.19 11.21 -8.32
O5' ADP E . -9.65 12.64 -9.72
C5' ADP E . -10.42 13.86 -9.72
C4' ADP E . -9.82 14.85 -10.70
O4' ADP E . -8.43 15.09 -10.37
C3' ADP E . -9.80 14.41 -12.16
O3' ADP E . -11.06 14.62 -12.82
C2' ADP E . -8.65 15.23 -12.73
O2' ADP E . -9.02 16.54 -13.14
C1' ADP E . -7.67 15.26 -11.56
N9 ADP E . -6.64 14.22 -11.61
C8 ADP E . -6.72 12.94 -11.11
N7 ADP E . -5.69 12.19 -11.40
C5 ADP E . -4.86 13.03 -12.13
C6 ADP E . -3.62 12.82 -12.76
N6 ADP E . -2.94 11.68 -12.70
N1 ADP E . -3.06 13.87 -13.42
C2 ADP E . -3.71 15.04 -13.43
N3 ADP E . -4.90 15.35 -12.88
C4 ADP E . -5.43 14.29 -12.25
C7 A4Q F . -12.76 12.17 -25.98
C8 A4Q F . -12.44 12.97 -24.78
C12 A4Q F . -11.58 15.39 -21.28
C11 A4Q F . -11.88 14.54 -22.50
C10 A4Q F . -12.40 15.11 -23.65
C9 A4Q F . -12.68 14.35 -24.77
N A4Q F . -10.76 14.73 -20.28
C2 A4Q F . -14.04 11.66 -26.23
C3 A4Q F . -14.26 10.88 -27.37
C4 A4Q F . -13.23 10.62 -28.25
C5 A4Q F . -11.98 11.11 -28.01
C6 A4Q F . -11.73 11.89 -26.89
C1 A4Q F . -15.20 11.93 -25.30
C A4Q F . -15.65 13.37 -25.27
CL A4Q F . -11.55 10.71 -23.55
C14 A4Q F . -11.89 12.41 -23.62
C13 A4Q F . -11.61 13.18 -22.50
MG MG G . 3.95 -7.18 20.08
MG MG H . 7.96 -4.24 26.22
MG MG I . 9.34 -9.54 23.13
PB ADP J . 6.81 -8.80 25.45
O1B ADP J . 8.17 -9.45 25.04
O2B ADP J . 6.35 -9.21 26.80
O3B ADP J . 7.06 -7.27 25.44
PA ADP J . 5.88 -9.54 22.73
O1A ADP J . 7.35 -9.59 22.28
O2A ADP J . 5.16 -8.52 21.93
O3A ADP J . 5.78 -9.23 24.31
O5' ADP J . 5.28 -11.01 22.51
C5' ADP J . 5.71 -12.19 23.23
C4' ADP J . 5.77 -13.38 22.30
O4' ADP J . 4.46 -13.69 21.78
C3' ADP J . 6.65 -13.21 21.08
O3' ADP J . 8.02 -13.38 21.40
C2' ADP J . 6.05 -14.26 20.12
O2' ADP J . 6.45 -15.57 20.47
C1' ADP J . 4.56 -14.11 20.42
N9 ADP J . 3.85 -13.15 19.56
C8 ADP J . 3.72 -11.80 19.79
N7 ADP J . 3.10 -11.16 18.84
C5 ADP J . 2.79 -12.15 17.92
C6 ADP J . 2.14 -12.11 16.66
N6 ADP J . 1.64 -10.99 16.12
N1 ADP J . 2.01 -13.28 15.98
C2 ADP J . 2.49 -14.40 16.54
N3 ADP J . 3.09 -14.56 17.71
C4 ADP J . 3.23 -13.39 18.36
C7 A4Q K . 16.89 -13.89 11.28
C8 A4Q K . 15.88 -14.43 12.24
C12 A4Q K . 13.01 -16.08 15.00
C11 A4Q K . 14.01 -15.52 14.04
C10 A4Q K . 15.03 -16.29 13.52
C9 A4Q K . 15.95 -15.76 12.63
N A4Q K . 11.71 -15.41 14.97
C2 A4Q K . 18.08 -13.29 11.71
C3 A4Q K . 18.94 -12.74 10.76
C4 A4Q K . 18.64 -12.81 9.41
C5 A4Q K . 17.48 -13.41 8.99
C6 A4Q K . 16.61 -13.95 9.91
C1 A4Q K . 18.46 -13.22 13.17
C A4Q K . 18.82 -14.54 13.78
CL A4Q K . 14.70 -12.00 12.31
C14 A4Q K . 14.85 -13.66 12.76
C13 A4Q K . 13.93 -14.19 13.64
C7 A4Q L . -9.39 -10.45 28.07
C8 A4Q L . -10.53 -11.25 27.54
C12 A4Q L . -13.80 -13.74 26.19
C11 A4Q L . -12.68 -12.85 26.64
C10 A4Q L . -12.64 -12.38 27.95
C9 A4Q L . -11.58 -11.59 28.40
N A4Q L . -14.60 -13.17 25.12
C2 A4Q L . -8.48 -10.95 29.02
C3 A4Q L . -7.56 -10.08 29.61
C4 A4Q L . -7.52 -8.75 29.24
C5 A4Q L . -8.39 -8.26 28.29
C6 A4Q L . -9.31 -9.09 27.70
C1 A4Q L . -8.43 -12.42 29.37
C A4Q L . -9.03 -12.79 30.71
CL A4Q L . -9.35 -11.31 25.09
C14 A4Q L . -10.59 -11.73 26.23
C13 A4Q L . -11.64 -12.50 25.79
C1 IHP M . 29.00 -20.94 25.71
C2 IHP M . 29.58 -19.99 24.70
C3 IHP M . 30.08 -20.57 23.38
C4 IHP M . 29.27 -21.79 23.02
C5 IHP M . 29.07 -22.70 24.24
C6 IHP M . 28.08 -21.95 25.07
O11 IHP M . 28.26 -20.10 26.54
P1 IHP M . 28.47 -20.10 28.09
O21 IHP M . 29.59 -19.17 28.28
O31 IHP M . 28.75 -21.54 28.36
O41 IHP M . 27.16 -19.62 28.61
O12 IHP M . 30.60 -19.38 25.44
P2 IHP M . 30.74 -17.83 25.39
O22 IHP M . 32.17 -17.58 25.67
O32 IHP M . 30.30 -17.55 24.00
O42 IHP M . 29.81 -17.40 26.46
O13 IHP M . 31.47 -20.89 23.46
P3 IHP M . 32.63 -20.53 22.41
O23 IHP M . 32.36 -19.20 21.81
O33 IHP M . 33.87 -20.49 23.22
O43 IHP M . 32.55 -21.67 21.45
O14 IHP M . 29.94 -22.44 21.97
P4 IHP M . 29.29 -23.75 21.33
O24 IHP M . 27.82 -23.60 21.61
O34 IHP M . 29.70 -23.67 19.90
O44 IHP M . 29.98 -24.85 22.08
O15 IHP M . 28.57 -24.00 24.00
P5 IHP M . 29.04 -25.25 24.89
O25 IHP M . 30.37 -24.89 25.48
O35 IHP M . 27.90 -25.39 25.86
O45 IHP M . 29.20 -26.40 23.96
O16 IHP M . 27.41 -22.75 26.03
P6 IHP M . 25.82 -22.91 25.95
O26 IHP M . 25.41 -23.91 26.97
O36 IHP M . 25.27 -21.58 26.30
O46 IHP M . 25.63 -23.30 24.52
#